data_3LYF
#
_entry.id   3LYF
#
_cell.length_a   67.110
_cell.length_b   69.630
_cell.length_c   80.620
_cell.angle_alpha   78.45
_cell.angle_beta   69.72
_cell.angle_gamma   60.97
#
_symmetry.space_group_name_H-M   'P 1'
#
loop_
_entity.id
_entity.type
_entity.pdbx_description
1 polymer 'Nucleocapsid protein'
2 non-polymer GLYCEROL
3 water water
#
_entity_poly.entity_id   1
_entity_poly.type   'polypeptide(L)'
_entity_poly.pdbx_seq_one_letter_code
;MDNYQELAIQFAAQAVDRNEIEQWVREFAYQGFDARRVIELLKQYGGADWEKDAKKMIVLALTRGNKPRRMMMKMSKEGK
ATVEALINKYKLKEGNPSRDELTLSRVAAALAGRTCQALVVLSEWLPVTGTTMDGLSPAYPRHMMHPSFAGMVDPSLPGD
YLRAILDAHSLYLLQFSRVINPNLRGRTKEEVAATFTQPMNAAVNSNFISHEKRREFLKAFGLVDSNGKPSAAVMAAAQA
YKTAA
;
_entity_poly.pdbx_strand_id   A,B,C,D
#
loop_
_chem_comp.id
_chem_comp.type
_chem_comp.name
_chem_comp.formula
GOL non-polymer GLYCEROL 'C3 H8 O3'
#
# COMPACT_ATOMS: atom_id res chain seq x y z
N MET A 1 9.49 -5.01 11.12
CA MET A 1 8.37 -6.00 11.20
C MET A 1 7.06 -5.33 10.80
N ASP A 2 6.04 -6.13 10.54
CA ASP A 2 4.73 -5.60 10.17
C ASP A 2 4.15 -4.78 11.33
N ASN A 3 3.45 -3.69 11.03
CA ASN A 3 2.96 -2.82 12.11
C ASN A 3 1.96 -3.54 13.02
N TYR A 4 1.27 -4.54 12.50
CA TYR A 4 0.41 -5.36 13.37
C TYR A 4 1.23 -6.01 14.49
N GLN A 5 2.41 -6.51 14.15
CA GLN A 5 3.24 -7.11 15.14
C GLN A 5 3.83 -6.06 16.09
N GLU A 6 4.18 -4.88 15.56
CA GLU A 6 4.71 -3.78 16.39
C GLU A 6 3.71 -3.39 17.45
N LEU A 7 2.43 -3.43 17.07
CA LEU A 7 1.36 -3.15 17.99
C LEU A 7 1.19 -4.29 18.98
N ALA A 8 1.29 -5.52 18.52
CA ALA A 8 1.12 -6.68 19.42
C ALA A 8 2.16 -6.60 20.56
N ILE A 9 3.36 -6.16 20.20
CA ILE A 9 4.47 -6.00 21.16
C ILE A 9 4.17 -4.88 22.13
N GLN A 10 3.69 -3.75 21.64
CA GLN A 10 3.33 -2.61 22.50
C GLN A 10 2.27 -3.06 23.52
N PHE A 11 1.35 -3.95 23.11
CA PHE A 11 0.26 -4.39 24.00
C PHE A 11 0.46 -5.70 24.78
N ALA A 12 1.63 -6.33 24.68
CA ALA A 12 1.87 -7.59 25.35
C ALA A 12 1.95 -7.35 26.87
N ALA A 13 1.54 -8.36 27.62
CA ALA A 13 1.66 -8.38 29.06
C ALA A 13 3.14 -8.64 29.41
N GLN A 14 3.63 -7.98 30.46
CA GLN A 14 4.97 -8.24 31.02
C GLN A 14 5.15 -9.72 31.43
N ALA A 15 4.12 -10.30 32.05
CA ALA A 15 4.01 -11.75 32.18
C ALA A 15 2.52 -12.11 32.19
N VAL A 16 2.19 -13.41 32.27
CA VAL A 16 0.78 -13.85 32.40
C VAL A 16 0.32 -13.60 33.84
N ARG A 18 -2.84 -16.32 36.16
CA ARG A 18 -3.78 -15.27 36.52
C ARG A 18 -5.21 -15.56 36.01
N ASN A 19 -6.03 -14.52 35.83
CA ASN A 19 -7.41 -14.64 35.34
C ASN A 19 -7.56 -14.41 33.81
N GLU A 20 -6.58 -14.89 33.03
CA GLU A 20 -6.60 -14.74 31.57
C GLU A 20 -7.93 -15.21 31.00
N ILE A 21 -8.44 -16.34 31.50
CA ILE A 21 -9.66 -16.94 30.95
C ILE A 21 -10.84 -15.97 30.95
N GLU A 22 -10.85 -15.00 31.86
CA GLU A 22 -11.87 -13.95 31.86
C GLU A 22 -11.92 -13.16 30.54
N GLN A 23 -10.74 -12.95 29.95
CA GLN A 23 -10.61 -12.20 28.68
C GLN A 23 -11.30 -12.85 27.46
N TRP A 24 -11.47 -14.16 27.47
CA TRP A 24 -11.94 -14.86 26.27
C TRP A 24 -13.19 -15.68 26.44
N VAL A 25 -13.57 -15.98 27.68
CA VAL A 25 -14.54 -17.02 27.93
C VAL A 25 -15.90 -16.73 27.25
N ARG A 26 -16.22 -15.45 27.07
CA ARG A 26 -17.53 -15.04 26.50
C ARG A 26 -17.58 -14.90 24.96
N GLU A 27 -16.58 -15.42 24.27
CA GLU A 27 -16.41 -15.13 22.85
C GLU A 27 -17.63 -15.51 21.99
N PHE A 28 -18.27 -16.63 22.32
CA PHE A 28 -19.44 -17.07 21.56
C PHE A 28 -20.75 -16.77 22.27
N ALA A 29 -20.73 -15.83 23.22
CA ALA A 29 -21.98 -15.34 23.84
C ALA A 29 -22.66 -14.40 22.87
N TYR A 30 -23.99 -14.43 22.83
CA TYR A 30 -24.76 -13.64 21.85
C TYR A 30 -24.33 -12.18 21.88
N GLN A 31 -24.25 -11.59 20.69
CA GLN A 31 -24.01 -10.15 20.53
C GLN A 31 -25.14 -9.51 19.72
N GLY A 32 -25.80 -8.53 20.33
CA GLY A 32 -26.83 -7.73 19.66
C GLY A 32 -26.26 -6.40 19.18
N PHE A 33 -25.79 -6.41 17.93
CA PHE A 33 -25.40 -5.17 17.21
C PHE A 33 -25.38 -5.35 15.70
N ASP A 34 -25.31 -4.21 15.03
CA ASP A 34 -25.18 -4.09 13.60
C ASP A 34 -23.76 -3.63 13.36
N ALA A 35 -23.05 -4.30 12.46
CA ALA A 35 -21.70 -3.86 12.02
C ALA A 35 -21.69 -2.44 11.47
N ARG A 36 -22.77 -2.05 10.79
CA ARG A 36 -22.85 -0.68 10.22
C ARG A 36 -22.82 0.37 11.33
N ARG A 37 -23.46 0.03 12.44
CA ARG A 37 -23.53 0.98 13.55
C ARG A 37 -22.15 1.12 14.22
N VAL A 38 -21.41 0.02 14.30
CA VAL A 38 -20.06 0.05 14.82
C VAL A 38 -19.22 1.02 14.02
N ILE A 39 -19.29 0.91 12.71
CA ILE A 39 -18.49 1.77 11.85
C ILE A 39 -18.91 3.23 12.01
N GLU A 40 -20.21 3.50 12.08
CA GLU A 40 -20.66 4.87 12.33
C GLU A 40 -20.09 5.43 13.61
N LEU A 41 -20.15 4.65 14.70
CA LEU A 41 -19.62 5.11 15.99
C LEU A 41 -18.10 5.34 15.98
N LEU A 42 -17.37 4.43 15.35
CA LEU A 42 -15.93 4.64 15.16
C LEU A 42 -15.64 5.99 14.48
N LYS A 43 -16.34 6.26 13.37
CA LYS A 43 -16.11 7.53 12.63
C LYS A 43 -16.47 8.72 13.49
N GLN A 44 -17.63 8.63 14.13
CA GLN A 44 -18.11 9.71 14.99
C GLN A 44 -17.12 10.07 16.07
N TYR A 45 -16.60 9.07 16.79
CA TYR A 45 -15.70 9.33 17.91
C TYR A 45 -14.28 9.57 17.48
N GLY A 46 -13.86 8.95 16.37
CA GLY A 46 -12.43 8.89 16.04
C GLY A 46 -11.92 9.88 15.00
N GLY A 47 -12.81 10.53 14.28
CA GLY A 47 -12.39 11.35 13.15
C GLY A 47 -11.67 10.56 12.06
N ALA A 48 -10.79 11.23 11.32
CA ALA A 48 -10.05 10.58 10.24
C ALA A 48 -9.13 9.46 10.74
N ASP A 49 -8.77 9.50 12.01
CA ASP A 49 -7.89 8.47 12.60
C ASP A 49 -8.62 7.24 13.09
N TRP A 50 -9.92 7.13 12.80
CA TRP A 50 -10.68 5.96 13.25
C TRP A 50 -10.05 4.67 12.75
N GLU A 51 -9.53 4.66 11.53
CA GLU A 51 -8.95 3.46 10.95
C GLU A 51 -7.66 3.02 11.64
N LYS A 52 -6.76 3.97 11.92
CA LYS A 52 -5.55 3.71 12.67
C LYS A 52 -5.92 3.20 14.05
N ASP A 53 -6.89 3.85 14.69
CA ASP A 53 -7.31 3.41 16.02
C ASP A 53 -7.95 2.03 15.98
N ALA A 54 -8.84 1.79 15.01
CA ALA A 54 -9.43 0.48 14.85
C ALA A 54 -8.38 -0.64 14.71
N LYS A 55 -7.27 -0.35 14.07
CA LYS A 55 -6.23 -1.33 13.89
C LYS A 55 -5.67 -1.73 15.25
N LYS A 56 -5.46 -0.76 16.14
CA LYS A 56 -5.02 -1.04 17.47
C LYS A 56 -6.02 -1.88 18.18
N MET A 57 -7.31 -1.53 18.07
CA MET A 57 -8.32 -2.34 18.71
C MET A 57 -8.43 -3.77 18.18
N ILE A 58 -8.22 -3.97 16.89
CA ILE A 58 -8.17 -5.32 16.32
C ILE A 58 -7.01 -6.11 16.96
N VAL A 59 -5.85 -5.48 17.14
CA VAL A 59 -4.72 -6.21 17.73
C VAL A 59 -5.06 -6.60 19.17
N LEU A 60 -5.73 -5.68 19.87
CA LEU A 60 -6.14 -5.95 21.25
C LEU A 60 -7.13 -7.10 21.31
N ALA A 61 -8.12 -7.08 20.44
CA ALA A 61 -9.14 -8.12 20.41
C ALA A 61 -8.54 -9.52 20.10
N LEU A 62 -7.58 -9.56 19.17
CA LEU A 62 -6.98 -10.83 18.74
C LEU A 62 -5.94 -11.38 19.71
N THR A 63 -5.21 -10.49 20.37
CA THR A 63 -4.06 -10.90 21.14
C THR A 63 -4.26 -10.80 22.66
N ARG A 64 -5.19 -9.95 23.12
CA ARG A 64 -5.38 -9.78 24.56
C ARG A 64 -6.75 -10.08 25.12
N GLY A 65 -7.81 -9.96 24.33
CA GLY A 65 -9.15 -10.20 24.83
C GLY A 65 -10.17 -9.11 24.59
N ASN A 66 -11.24 -9.13 25.38
CA ASN A 66 -12.40 -8.24 25.22
C ASN A 66 -12.65 -7.33 26.44
N LYS A 67 -11.69 -7.29 27.36
CA LYS A 67 -11.74 -6.44 28.56
C LYS A 67 -10.60 -5.43 28.61
N PRO A 68 -10.80 -4.25 28.00
CA PRO A 68 -9.76 -3.26 27.87
C PRO A 68 -9.16 -2.83 29.22
N ARG A 69 -9.97 -2.66 30.26
CA ARG A 69 -9.45 -2.17 31.55
C ARG A 69 -8.57 -3.20 32.24
N ARG A 70 -8.99 -4.46 32.17
CA ARG A 70 -8.23 -5.56 32.72
C ARG A 70 -6.89 -5.72 32.00
N MET A 71 -6.91 -5.77 30.67
CA MET A 71 -5.66 -5.97 29.91
C MET A 71 -4.60 -4.87 30.11
N MET A 72 -5.01 -3.65 30.47
CA MET A 72 -4.05 -2.59 30.81
C MET A 72 -3.21 -2.94 32.03
N MET A 73 -3.75 -3.69 32.98
CA MET A 73 -3.04 -3.94 34.25
C MET A 73 -1.59 -4.42 34.09
N LYS A 74 -1.32 -5.35 33.19
CA LYS A 74 0.04 -5.88 33.07
C LYS A 74 0.83 -5.36 31.85
N MET A 75 0.37 -4.25 31.27
CA MET A 75 1.05 -3.63 30.12
C MET A 75 2.20 -2.72 30.50
N SER A 76 3.06 -2.47 29.53
CA SER A 76 4.03 -1.38 29.55
C SER A 76 3.35 -0.05 29.75
N LYS A 77 4.14 0.97 30.01
CA LYS A 77 3.58 2.29 30.29
C LYS A 77 2.99 2.88 29.00
N GLU A 78 3.68 2.72 27.88
CA GLU A 78 3.17 3.19 26.59
C GLU A 78 1.88 2.45 26.23
N GLY A 79 1.91 1.13 26.40
CA GLY A 79 0.73 0.30 26.20
C GLY A 79 -0.48 0.82 26.93
N LYS A 80 -0.38 0.90 28.27
CA LYS A 80 -1.48 1.34 29.13
C LYS A 80 -2.02 2.68 28.67
N ALA A 81 -1.12 3.60 28.35
CA ALA A 81 -1.51 4.95 27.98
C ALA A 81 -2.36 4.91 26.69
N THR A 82 -1.82 4.21 25.69
CA THR A 82 -2.55 4.05 24.44
C THR A 82 -3.92 3.43 24.67
N VAL A 83 -4.00 2.35 25.46
CA VAL A 83 -5.31 1.72 25.71
C VAL A 83 -6.24 2.64 26.48
N GLU A 84 -5.72 3.37 27.47
CA GLU A 84 -6.60 4.28 28.23
C GLU A 84 -7.20 5.34 27.32
N ALA A 85 -6.43 5.85 26.37
CA ALA A 85 -6.92 6.88 25.45
C ALA A 85 -8.02 6.31 24.51
N LEU A 86 -7.87 5.04 24.14
CA LEU A 86 -8.86 4.30 23.31
C LEU A 86 -10.19 4.14 24.02
N ILE A 87 -10.16 3.62 25.25
CA ILE A 87 -11.33 3.54 26.10
C ILE A 87 -12.06 4.85 26.22
N ASN A 88 -11.33 5.92 26.53
CA ASN A 88 -11.96 7.24 26.66
C ASN A 88 -12.48 7.84 25.35
N LYS A 89 -11.76 7.67 24.25
CA LYS A 89 -12.24 8.20 22.94
C LYS A 89 -13.45 7.42 22.43
N TYR A 90 -13.40 6.10 22.51
CA TYR A 90 -14.44 5.25 21.86
C TYR A 90 -15.49 4.77 22.83
N LYS A 91 -15.29 5.11 24.10
CA LYS A 91 -16.19 4.72 25.20
C LYS A 91 -16.37 3.21 25.23
N LEU A 92 -15.24 2.48 25.21
CA LEU A 92 -15.29 1.03 25.08
C LEU A 92 -15.92 0.41 26.29
N LYS A 93 -16.74 -0.60 26.05
CA LYS A 93 -17.43 -1.35 27.09
C LYS A 93 -16.93 -2.80 27.06
N GLU A 94 -17.40 -3.59 28.02
CA GLU A 94 -17.14 -5.01 28.02
C GLU A 94 -18.46 -5.76 27.86
N GLY A 95 -18.35 -7.04 27.54
CA GLY A 95 -19.48 -7.93 27.59
C GLY A 95 -20.34 -7.74 26.37
N ASN A 96 -21.65 -7.71 26.57
CA ASN A 96 -22.57 -7.57 25.49
C ASN A 96 -23.44 -6.38 25.82
N PRO A 97 -22.91 -5.16 25.62
CA PRO A 97 -23.68 -3.97 25.97
C PRO A 97 -24.79 -3.71 24.97
N SER A 98 -25.60 -2.67 25.22
CA SER A 98 -26.59 -2.19 24.25
C SER A 98 -25.99 -1.90 22.86
N ARG A 99 -26.88 -1.77 21.88
CA ARG A 99 -26.54 -1.75 20.46
C ARG A 99 -25.71 -0.55 19.98
N ASP A 100 -25.71 0.53 20.77
CA ASP A 100 -24.97 1.75 20.39
C ASP A 100 -23.65 1.89 21.13
N GLU A 101 -23.08 0.78 21.59
CA GLU A 101 -21.82 0.82 22.28
C GLU A 101 -20.74 0.02 21.54
N LEU A 102 -19.49 0.50 21.64
CA LEU A 102 -18.36 -0.24 21.08
C LEU A 102 -17.75 -1.20 22.07
N THR A 103 -17.36 -2.38 21.60
CA THR A 103 -16.45 -3.29 22.31
C THR A 103 -15.28 -3.67 21.35
N LEU A 104 -14.21 -4.20 21.90
CA LEU A 104 -13.13 -4.72 21.05
C LEU A 104 -13.59 -5.81 20.06
N SER A 105 -14.38 -6.77 20.52
CA SER A 105 -14.89 -7.83 19.65
C SER A 105 -15.83 -7.33 18.54
N ARG A 106 -16.72 -6.37 18.88
CA ARG A 106 -17.57 -5.75 17.85
C ARG A 106 -16.78 -5.03 16.79
N VAL A 107 -15.73 -4.31 17.19
CA VAL A 107 -14.87 -3.66 16.23
C VAL A 107 -14.18 -4.67 15.29
N ALA A 108 -13.63 -5.74 15.87
CA ALA A 108 -12.95 -6.78 15.09
C ALA A 108 -13.93 -7.42 14.09
N ALA A 109 -15.14 -7.62 14.54
CA ALA A 109 -16.15 -8.27 13.72
C ALA A 109 -16.68 -7.37 12.60
N ALA A 110 -16.84 -6.07 12.87
CA ALA A 110 -17.29 -5.12 11.82
C ALA A 110 -16.23 -4.86 10.75
N LEU A 111 -14.95 -5.07 11.11
CA LEU A 111 -13.85 -4.88 10.19
C LEU A 111 -13.23 -6.24 9.85
N ALA A 112 -14.10 -7.24 9.61
CA ALA A 112 -13.71 -8.64 9.46
C ALA A 112 -12.63 -8.81 8.40
N GLY A 113 -12.72 -8.07 7.32
CA GLY A 113 -11.72 -8.09 6.25
C GLY A 113 -10.33 -7.69 6.72
N ARG A 114 -10.28 -6.75 7.63
CA ARG A 114 -9.00 -6.32 8.17
C ARG A 114 -8.53 -7.33 9.19
N THR A 115 -9.45 -7.74 10.08
CA THR A 115 -9.12 -8.68 11.15
C THR A 115 -8.49 -9.95 10.58
N CYS A 116 -9.11 -10.52 9.55
CA CYS A 116 -8.67 -11.79 9.05
C CYS A 116 -7.36 -11.64 8.32
N GLN A 117 -7.14 -10.53 7.61
CA GLN A 117 -5.83 -10.29 7.00
C GLN A 117 -4.73 -10.12 8.05
N ALA A 118 -5.05 -9.56 9.21
CA ALA A 118 -4.06 -9.46 10.30
C ALA A 118 -3.61 -10.82 10.86
N LEU A 119 -4.45 -11.83 10.71
CA LEU A 119 -4.19 -13.14 11.27
C LEU A 119 -2.98 -13.81 10.65
N VAL A 120 -2.65 -13.41 9.41
CA VAL A 120 -1.44 -13.85 8.71
C VAL A 120 -0.18 -13.42 9.51
N VAL A 121 -0.18 -12.21 10.04
CA VAL A 121 0.98 -11.74 10.83
C VAL A 121 0.92 -12.12 12.33
N LEU A 122 -0.28 -12.19 12.89
CA LEU A 122 -0.46 -12.31 14.34
C LEU A 122 -0.69 -13.76 14.79
N SER A 123 -0.49 -14.67 13.87
CA SER A 123 -0.72 -16.10 14.07
C SER A 123 -0.13 -16.71 15.39
N GLU A 124 1.11 -16.35 15.74
CA GLU A 124 1.74 -16.89 16.96
C GLU A 124 1.33 -16.18 18.27
N TRP A 125 0.51 -15.13 18.16
CA TRP A 125 -0.02 -14.40 19.32
C TRP A 125 -1.42 -14.77 19.80
N LEU A 126 -2.12 -15.59 19.02
CA LEU A 126 -3.49 -15.95 19.26
C LEU A 126 -3.61 -17.08 20.27
N PRO A 127 -4.79 -17.21 20.92
CA PRO A 127 -5.04 -18.30 21.85
C PRO A 127 -4.71 -19.66 21.26
N VAL A 128 -5.12 -19.92 20.03
CA VAL A 128 -4.68 -21.10 19.27
C VAL A 128 -3.82 -20.59 18.11
N THR A 129 -2.56 -21.02 18.05
CA THR A 129 -1.62 -20.54 17.05
C THR A 129 -1.71 -21.32 15.74
N GLY A 130 -1.15 -20.74 14.69
CA GLY A 130 -1.11 -21.39 13.40
C GLY A 130 -0.31 -22.69 13.43
N THR A 131 0.79 -22.70 14.22
CA THR A 131 1.61 -23.90 14.41
C THR A 131 0.80 -24.99 15.03
N THR A 132 0.00 -24.66 16.03
CA THR A 132 -0.89 -25.67 16.62
C THR A 132 -1.91 -26.19 15.60
N MET A 133 -2.59 -25.31 14.86
CA MET A 133 -3.47 -25.76 13.77
C MET A 133 -2.79 -26.68 12.74
N ASP A 134 -1.52 -26.42 12.40
CA ASP A 134 -0.80 -27.24 11.41
C ASP A 134 -0.63 -28.69 11.88
N GLY A 135 -0.60 -28.91 13.18
CA GLY A 135 -0.62 -30.25 13.74
C GLY A 135 -1.92 -30.98 13.47
N LEU A 136 -3.01 -30.22 13.34
CA LEU A 136 -4.31 -30.80 13.07
C LEU A 136 -4.56 -30.94 11.57
N SER A 137 -4.02 -30.01 10.79
CA SER A 137 -4.10 -30.09 9.35
C SER A 137 -3.00 -29.25 8.73
N PRO A 138 -2.22 -29.84 7.81
CA PRO A 138 -1.12 -29.12 7.19
C PRO A 138 -1.52 -27.81 6.53
N ALA A 139 -0.69 -26.77 6.71
CA ALA A 139 -0.85 -25.50 6.05
C ALA A 139 -2.24 -24.90 6.33
N TYR A 140 -2.65 -24.92 7.58
CA TYR A 140 -3.99 -24.43 7.93
C TYR A 140 -4.14 -22.96 7.60
N PRO A 141 -5.28 -22.57 6.96
CA PRO A 141 -5.32 -21.19 6.51
C PRO A 141 -5.45 -20.19 7.67
N ARG A 142 -4.43 -19.34 7.83
CA ARG A 142 -4.40 -18.34 8.91
C ARG A 142 -5.62 -17.41 8.83
N HIS A 143 -6.05 -17.06 7.62
CA HIS A 143 -7.25 -16.17 7.44
C HIS A 143 -8.52 -16.73 8.09
N MET A 144 -8.53 -18.00 8.47
CA MET A 144 -9.71 -18.56 9.07
C MET A 144 -9.68 -18.53 10.58
N MET A 145 -8.58 -18.06 11.16
CA MET A 145 -8.33 -18.24 12.61
C MET A 145 -8.90 -17.16 13.53
N HIS A 146 -10.19 -16.89 13.30
CA HIS A 146 -10.93 -15.98 14.17
C HIS A 146 -12.44 -16.16 13.88
N PRO A 147 -13.28 -16.08 14.93
CA PRO A 147 -14.72 -16.22 14.67
C PRO A 147 -15.31 -15.27 13.63
N SER A 148 -14.73 -14.08 13.51
CA SER A 148 -15.18 -13.06 12.55
C SER A 148 -14.97 -13.44 11.11
N PHE A 149 -14.11 -14.44 10.84
CA PHE A 149 -14.02 -15.00 9.48
C PHE A 149 -15.41 -15.41 8.91
N ALA A 150 -16.33 -15.90 9.73
CA ALA A 150 -17.69 -16.27 9.22
C ALA A 150 -18.36 -15.14 8.47
N GLY A 151 -18.03 -13.92 8.81
CA GLY A 151 -18.59 -12.76 8.12
C GLY A 151 -17.97 -12.57 6.75
N MET A 152 -16.95 -13.37 6.39
CA MET A 152 -16.31 -13.26 5.06
C MET A 152 -16.77 -14.35 4.12
N VAL A 153 -17.57 -15.28 4.66
CA VAL A 153 -18.05 -16.42 3.90
C VAL A 153 -19.24 -16.00 3.04
N ASP A 154 -19.14 -16.19 1.73
CA ASP A 154 -20.19 -15.97 0.78
C ASP A 154 -21.12 -17.20 0.74
N PRO A 155 -22.36 -17.05 1.24
CA PRO A 155 -23.26 -18.21 1.26
C PRO A 155 -23.79 -18.68 -0.11
N SER A 156 -23.52 -17.92 -1.16
CA SER A 156 -23.94 -18.28 -2.50
C SER A 156 -22.84 -19.05 -3.25
N LEU A 157 -21.71 -19.35 -2.58
CA LEU A 157 -20.81 -20.36 -3.11
C LEU A 157 -21.57 -21.65 -3.34
N PRO A 158 -21.31 -22.34 -4.47
CA PRO A 158 -21.85 -23.68 -4.58
C PRO A 158 -21.74 -24.49 -3.30
N GLY A 159 -22.81 -25.23 -2.99
CA GLY A 159 -22.97 -25.91 -1.70
C GLY A 159 -21.79 -26.74 -1.21
N ASP A 160 -21.13 -27.45 -2.12
CA ASP A 160 -19.96 -28.23 -1.75
C ASP A 160 -18.77 -27.34 -1.38
N TYR A 161 -18.64 -26.20 -2.05
CA TYR A 161 -17.52 -25.29 -1.81
C TYR A 161 -17.73 -24.57 -0.49
N LEU A 162 -18.99 -24.18 -0.23
CA LEU A 162 -19.41 -23.56 1.03
C LEU A 162 -19.20 -24.47 2.21
N ARG A 163 -19.67 -25.71 2.09
CA ARG A 163 -19.52 -26.68 3.17
C ARG A 163 -18.03 -26.90 3.50
N ALA A 164 -17.18 -26.98 2.49
CA ALA A 164 -15.72 -27.13 2.75
C ALA A 164 -15.19 -25.93 3.53
N ILE A 165 -15.54 -24.72 3.11
CA ILE A 165 -15.03 -23.49 3.73
C ILE A 165 -15.44 -23.50 5.21
N LEU A 166 -16.69 -23.82 5.50
CA LEU A 166 -17.19 -23.74 6.87
C LEU A 166 -16.64 -24.88 7.74
N ASP A 167 -16.56 -26.08 7.17
CA ASP A 167 -15.91 -27.24 7.80
C ASP A 167 -14.45 -26.93 8.18
N ALA A 168 -13.71 -26.37 7.23
CA ALA A 168 -12.30 -25.97 7.46
C ALA A 168 -12.19 -24.96 8.60
N HIS A 169 -13.09 -23.98 8.59
CA HIS A 169 -13.13 -22.98 9.64
C HIS A 169 -13.57 -23.58 10.99
N SER A 170 -14.45 -24.57 10.96
CA SER A 170 -14.96 -25.16 12.18
C SER A 170 -13.88 -25.96 12.90
N LEU A 171 -12.85 -26.39 12.18
CA LEU A 171 -11.68 -27.03 12.80
C LEU A 171 -10.99 -26.08 13.79
N TYR A 172 -10.73 -24.84 13.35
CA TYR A 172 -10.21 -23.82 14.28
C TYR A 172 -11.21 -23.49 15.40
N LEU A 173 -12.51 -23.33 15.09
CA LEU A 173 -13.50 -23.01 16.13
C LEU A 173 -13.54 -24.08 17.24
N LEU A 174 -13.51 -25.34 16.86
CA LEU A 174 -13.39 -26.47 17.78
C LEU A 174 -12.21 -26.30 18.75
N GLN A 175 -11.01 -26.07 18.19
CA GLN A 175 -9.80 -25.90 19.01
C GLN A 175 -9.92 -24.67 19.89
N PHE A 176 -10.31 -23.57 19.29
CA PHE A 176 -10.37 -22.26 19.96
C PHE A 176 -11.36 -22.31 21.11
N SER A 177 -12.51 -22.94 20.86
CA SER A 177 -13.59 -23.07 21.83
C SER A 177 -13.12 -23.76 23.10
N ARG A 178 -12.38 -24.85 22.92
CA ARG A 178 -11.89 -25.64 24.05
C ARG A 178 -10.82 -24.90 24.83
N VAL A 179 -10.04 -24.05 24.16
CA VAL A 179 -9.00 -23.27 24.83
C VAL A 179 -9.61 -22.12 25.64
N ILE A 180 -10.50 -21.37 25.01
CA ILE A 180 -11.09 -20.21 25.66
C ILE A 180 -12.09 -20.61 26.74
N ASN A 181 -12.84 -21.70 26.50
CA ASN A 181 -13.83 -22.19 27.46
C ASN A 181 -13.52 -23.59 28.02
N PRO A 182 -12.81 -23.65 29.19
CA PRO A 182 -12.45 -24.90 29.86
C PRO A 182 -13.62 -25.85 30.18
N ASN A 183 -14.83 -25.30 30.24
CA ASN A 183 -16.02 -26.14 30.41
C ASN A 183 -16.27 -27.07 29.22
N LEU A 184 -15.68 -26.77 28.06
CA LEU A 184 -15.88 -27.57 26.84
C LEU A 184 -14.68 -28.48 26.51
N ARG A 185 -13.61 -28.39 27.29
CA ARG A 185 -12.40 -29.21 27.06
C ARG A 185 -12.63 -30.74 27.10
N GLY A 186 -13.51 -31.18 27.99
CA GLY A 186 -13.81 -32.60 28.13
C GLY A 186 -15.02 -33.06 27.33
N ARG A 187 -15.44 -32.24 26.36
CA ARG A 187 -16.68 -32.48 25.62
C ARG A 187 -16.43 -32.99 24.22
N THR A 188 -17.49 -33.48 23.61
CA THR A 188 -17.45 -34.01 22.25
C THR A 188 -17.46 -32.87 21.23
N LYS A 189 -17.07 -33.19 20.01
CA LYS A 189 -17.10 -32.24 18.91
C LYS A 189 -18.51 -31.70 18.68
N GLU A 190 -19.48 -32.59 18.82
CA GLU A 190 -20.88 -32.26 18.58
C GLU A 190 -21.39 -31.28 19.64
N GLU A 191 -21.01 -31.49 20.89
CA GLU A 191 -21.37 -30.60 21.98
C GLU A 191 -20.68 -29.24 21.83
N VAL A 192 -19.41 -29.26 21.44
CA VAL A 192 -18.67 -28.02 21.22
C VAL A 192 -19.25 -27.24 20.01
N ALA A 193 -19.49 -27.96 18.91
CA ALA A 193 -20.10 -27.38 17.70
C ALA A 193 -21.44 -26.73 17.99
N ALA A 194 -22.24 -27.32 18.89
CA ALA A 194 -23.50 -26.70 19.34
C ALA A 194 -23.30 -25.31 19.92
N THR A 195 -22.09 -24.99 20.38
CA THR A 195 -21.82 -23.70 20.98
C THR A 195 -21.28 -22.63 20.00
N PHE A 196 -20.80 -23.04 18.83
CA PHE A 196 -20.21 -22.07 17.88
C PHE A 196 -20.91 -21.97 16.52
N THR A 197 -21.75 -22.94 16.21
CA THR A 197 -22.44 -22.96 14.91
C THR A 197 -23.45 -21.81 14.79
N GLN A 198 -24.09 -21.43 15.90
CA GLN A 198 -25.15 -20.41 15.88
C GLN A 198 -24.62 -19.04 15.48
N PRO A 199 -23.62 -18.49 16.21
CA PRO A 199 -23.08 -17.23 15.76
C PRO A 199 -22.33 -17.31 14.43
N MET A 200 -21.77 -18.46 14.10
CA MET A 200 -21.14 -18.66 12.80
C MET A 200 -22.12 -18.49 11.67
N ASN A 201 -23.18 -19.29 11.69
CA ASN A 201 -24.20 -19.20 10.68
C ASN A 201 -24.86 -17.83 10.59
N ALA A 202 -25.02 -17.13 11.71
CA ALA A 202 -25.52 -15.75 11.72
C ALA A 202 -24.70 -14.81 10.84
N ALA A 203 -23.37 -14.84 11.00
CA ALA A 203 -22.51 -13.94 10.24
C ALA A 203 -22.44 -14.39 8.77
N VAL A 204 -22.48 -15.69 8.52
CA VAL A 204 -22.49 -16.23 7.13
C VAL A 204 -23.66 -15.58 6.36
N ASN A 205 -24.82 -15.51 7.00
CA ASN A 205 -26.05 -15.07 6.34
C ASN A 205 -26.47 -13.64 6.68
N SER A 206 -25.58 -12.81 7.25
CA SER A 206 -25.95 -11.46 7.61
C SER A 206 -25.98 -10.59 6.34
N ASN A 207 -26.53 -9.40 6.44
CA ASN A 207 -26.53 -8.51 5.27
C ASN A 207 -25.33 -7.57 5.23
N PHE A 208 -24.31 -7.82 6.07
CA PHE A 208 -23.15 -6.94 6.13
C PHE A 208 -22.01 -7.50 5.28
N ILE A 209 -21.63 -6.69 4.26
CA ILE A 209 -20.71 -7.04 3.18
C ILE A 209 -21.35 -8.02 2.19
N SER A 210 -21.47 -7.56 0.94
CA SER A 210 -22.20 -8.28 -0.10
C SER A 210 -21.56 -9.61 -0.44
N HIS A 211 -22.35 -10.50 -1.05
CA HIS A 211 -21.84 -11.74 -1.61
C HIS A 211 -20.59 -11.55 -2.43
N GLU A 212 -20.66 -10.59 -3.36
CA GLU A 212 -19.55 -10.28 -4.25
C GLU A 212 -18.29 -9.82 -3.51
N LYS A 213 -18.44 -8.85 -2.61
CA LYS A 213 -17.30 -8.39 -1.78
C LYS A 213 -16.69 -9.49 -0.91
N ARG A 214 -17.55 -10.27 -0.25
CA ARG A 214 -17.07 -11.41 0.55
C ARG A 214 -16.24 -12.38 -0.28
N ARG A 215 -16.79 -12.80 -1.44
CA ARG A 215 -16.03 -13.68 -2.33
C ARG A 215 -14.71 -13.06 -2.80
N GLU A 216 -14.68 -11.77 -3.07
CA GLU A 216 -13.40 -11.07 -3.40
C GLU A 216 -12.36 -11.23 -2.28
N PHE A 217 -12.82 -11.08 -1.04
CA PHE A 217 -11.96 -11.31 0.09
C PHE A 217 -11.49 -12.76 0.10
N LEU A 218 -12.38 -13.72 -0.12
CA LEU A 218 -11.99 -15.13 -0.05
C LEU A 218 -10.95 -15.42 -1.14
N LYS A 219 -11.09 -14.79 -2.31
CA LYS A 219 -10.11 -14.98 -3.38
C LYS A 219 -8.77 -14.28 -3.05
N ALA A 220 -8.84 -13.04 -2.56
CA ALA A 220 -7.64 -12.33 -2.11
C ALA A 220 -6.91 -13.08 -0.99
N PHE A 221 -7.63 -13.71 -0.08
CA PHE A 221 -7.01 -14.53 0.97
C PHE A 221 -6.44 -15.88 0.48
N GLY A 222 -6.56 -16.23 -0.81
CA GLY A 222 -6.07 -17.51 -1.31
C GLY A 222 -6.96 -18.70 -0.98
N LEU A 223 -8.19 -18.46 -0.49
CA LEU A 223 -8.98 -19.55 0.07
C LEU A 223 -9.86 -20.19 -1.02
N VAL A 224 -10.18 -19.42 -2.06
CA VAL A 224 -10.88 -19.95 -3.25
C VAL A 224 -10.24 -19.36 -4.49
N ASP A 225 -10.43 -20.03 -5.63
CA ASP A 225 -9.99 -19.50 -6.92
C ASP A 225 -11.07 -18.64 -7.56
N SER A 226 -10.87 -18.20 -8.81
CA SER A 226 -11.85 -17.39 -9.52
C SER A 226 -13.19 -18.11 -9.78
N ASN A 227 -13.21 -19.43 -9.61
CA ASN A 227 -14.44 -20.20 -9.70
C ASN A 227 -15.13 -20.43 -8.39
N GLY A 228 -14.55 -19.96 -7.29
CA GLY A 228 -15.08 -20.29 -5.96
C GLY A 228 -14.61 -21.63 -5.41
N LYS A 229 -13.76 -22.35 -6.15
CA LYS A 229 -13.33 -23.69 -5.73
C LYS A 229 -12.29 -23.54 -4.61
N PRO A 230 -12.48 -24.20 -3.47
CA PRO A 230 -11.58 -24.05 -2.34
C PRO A 230 -10.17 -24.59 -2.55
N SER A 231 -9.20 -23.93 -1.93
CA SER A 231 -7.81 -24.34 -2.00
C SER A 231 -7.60 -25.75 -1.40
N ALA A 232 -6.51 -26.43 -1.80
CA ALA A 232 -6.22 -27.74 -1.21
C ALA A 232 -6.07 -27.71 0.31
N ALA A 233 -5.50 -26.65 0.85
CA ALA A 233 -5.38 -26.53 2.31
C ALA A 233 -6.76 -26.48 3.01
N VAL A 234 -7.70 -25.72 2.46
CA VAL A 234 -9.10 -25.72 2.97
C VAL A 234 -9.76 -27.10 2.85
N MET A 235 -9.55 -27.75 1.71
CA MET A 235 -10.07 -29.09 1.51
C MET A 235 -9.49 -30.03 2.56
N ALA A 236 -8.18 -29.93 2.84
CA ALA A 236 -7.57 -30.84 3.85
C ALA A 236 -8.11 -30.53 5.26
N ALA A 237 -8.26 -29.23 5.55
CA ALA A 237 -8.86 -28.80 6.81
C ALA A 237 -10.27 -29.34 7.00
N ALA A 238 -11.07 -29.29 5.93
CA ALA A 238 -12.48 -29.71 6.00
C ALA A 238 -12.66 -31.17 6.36
N GLN A 239 -11.86 -32.01 5.72
CA GLN A 239 -11.91 -33.45 5.95
C GLN A 239 -11.34 -33.79 7.34
N ALA A 240 -10.33 -33.04 7.78
CA ALA A 240 -9.82 -33.17 9.15
C ALA A 240 -10.89 -32.89 10.18
N TYR A 241 -11.77 -31.93 9.89
CA TYR A 241 -12.90 -31.63 10.76
C TYR A 241 -14.01 -32.71 10.74
N LYS A 242 -14.23 -33.35 9.60
CA LYS A 242 -15.29 -34.37 9.52
C LYS A 242 -15.03 -35.46 10.58
N THR A 243 -13.78 -35.91 10.67
CA THR A 243 -13.37 -36.96 11.61
C THR A 243 -12.63 -36.47 12.88
N ALA A 244 -12.82 -35.20 13.24
CA ALA A 244 -12.22 -34.64 14.47
C ALA A 244 -12.90 -35.14 15.75
N ALA A 245 -12.11 -35.27 16.82
CA ALA A 245 -12.61 -35.69 18.13
C ALA A 245 -12.97 -34.47 18.97
N MET B 1 1.60 -18.58 24.78
CA MET B 1 2.31 -18.65 23.48
C MET B 1 3.53 -19.57 23.62
N ASP B 2 4.19 -19.84 22.49
CA ASP B 2 5.41 -20.62 22.52
C ASP B 2 6.51 -19.84 23.23
N ASN B 3 7.37 -20.56 23.97
CA ASN B 3 8.42 -19.85 24.72
C ASN B 3 9.43 -19.04 23.86
N TYR B 4 9.68 -19.46 22.63
CA TYR B 4 10.50 -18.64 21.70
C TYR B 4 9.92 -17.23 21.48
N GLN B 5 8.61 -17.15 21.33
CA GLN B 5 7.98 -15.85 21.22
C GLN B 5 8.00 -15.07 22.53
N GLU B 6 7.84 -15.74 23.67
CA GLU B 6 7.84 -15.03 24.95
C GLU B 6 9.22 -14.40 25.09
N LEU B 7 10.26 -15.14 24.70
CA LEU B 7 11.61 -14.60 24.70
C LEU B 7 11.80 -13.41 23.74
N ALA B 8 11.23 -13.50 22.54
CA ALA B 8 11.41 -12.42 21.55
C ALA B 8 10.82 -11.11 22.12
N ILE B 9 9.67 -11.26 22.77
CA ILE B 9 8.94 -10.17 23.45
C ILE B 9 9.81 -9.55 24.54
N GLN B 10 10.44 -10.41 25.35
CA GLN B 10 11.29 -9.94 26.43
C GLN B 10 12.45 -9.15 25.87
N PHE B 11 12.93 -9.53 24.68
CA PHE B 11 14.10 -8.91 24.09
C PHE B 11 13.81 -7.80 23.08
N ALA B 12 12.54 -7.49 22.85
CA ALA B 12 12.15 -6.49 21.84
C ALA B 12 12.60 -5.08 22.25
N ALA B 13 12.94 -4.29 21.25
CA ALA B 13 13.20 -2.88 21.40
C ALA B 13 11.87 -2.16 21.65
N GLN B 14 11.90 -1.16 22.53
CA GLN B 14 10.74 -0.28 22.74
C GLN B 14 10.45 0.54 21.47
N ALA B 15 11.49 0.99 20.77
CA ALA B 15 11.37 1.50 19.40
C ALA B 15 12.51 0.98 18.53
N VAL B 16 12.37 1.10 17.20
CA VAL B 16 13.41 0.68 16.24
C VAL B 16 14.73 1.47 16.48
N ASP B 17 15.85 0.82 16.17
CA ASP B 17 17.19 1.44 16.22
C ASP B 17 17.46 2.26 14.97
N ASN B 19 20.14 3.25 12.76
CA ASN B 19 21.35 2.43 12.61
C ASN B 19 21.12 0.92 12.88
N GLU B 20 19.88 0.47 12.74
CA GLU B 20 19.50 -0.94 12.87
C GLU B 20 20.26 -1.85 11.92
N ILE B 21 20.60 -1.35 10.72
CA ILE B 21 21.32 -2.14 9.70
C ILE B 21 22.59 -2.82 10.23
N GLU B 22 23.23 -2.19 11.21
CA GLU B 22 24.58 -2.58 11.64
C GLU B 22 24.57 -3.88 12.45
N GLN B 23 23.42 -4.17 13.06
CA GLN B 23 23.20 -5.43 13.77
C GLN B 23 23.38 -6.64 12.85
N TRP B 24 23.12 -6.42 11.56
CA TRP B 24 22.94 -7.49 10.57
C TRP B 24 24.01 -7.53 9.48
N VAL B 25 24.72 -6.41 9.30
CA VAL B 25 25.82 -6.36 8.36
C VAL B 25 26.86 -7.39 8.84
N ARG B 26 27.70 -7.85 7.92
CA ARG B 26 28.72 -8.88 8.21
C ARG B 26 28.12 -10.27 8.41
N GLU B 27 26.81 -10.44 8.16
CA GLU B 27 26.19 -11.75 8.34
C GLU B 27 26.91 -12.83 7.55
N PHE B 28 27.18 -12.54 6.27
CA PHE B 28 27.90 -13.47 5.39
C PHE B 28 29.42 -13.28 5.43
N ALA B 29 29.91 -12.46 6.37
CA ALA B 29 31.35 -12.26 6.57
C ALA B 29 31.97 -13.54 7.11
N TYR B 30 33.16 -13.87 6.61
CA TYR B 30 33.87 -15.10 6.97
C TYR B 30 33.90 -15.31 8.47
N GLN B 31 33.63 -16.56 8.86
CA GLN B 31 33.57 -16.98 10.25
C GLN B 31 34.58 -18.11 10.49
N GLY B 32 35.60 -17.83 11.30
CA GLY B 32 36.64 -18.81 11.66
C GLY B 32 36.39 -19.44 13.02
N PHE B 33 35.51 -20.45 13.03
CA PHE B 33 35.17 -21.22 14.23
C PHE B 33 34.79 -22.64 13.88
N ASP B 34 35.10 -23.54 14.82
CA ASP B 34 34.55 -24.86 14.83
C ASP B 34 33.26 -24.72 15.60
N ALA B 35 32.18 -25.24 15.02
CA ALA B 35 30.94 -25.40 15.74
C ALA B 35 31.17 -26.30 16.97
N ARG B 36 32.10 -27.27 16.90
CA ARG B 36 32.33 -28.13 18.08
C ARG B 36 32.90 -27.31 19.24
N ARG B 37 33.76 -26.36 18.91
CA ARG B 37 34.39 -25.53 19.93
C ARG B 37 33.31 -24.65 20.58
N VAL B 38 32.43 -24.09 19.75
CA VAL B 38 31.31 -23.29 20.27
C VAL B 38 30.51 -24.07 21.31
N ILE B 39 30.19 -25.31 20.97
CA ILE B 39 29.40 -26.12 21.86
C ILE B 39 30.18 -26.45 23.13
N GLU B 40 31.47 -26.73 22.99
CA GLU B 40 32.34 -26.90 24.14
C GLU B 40 32.36 -25.68 25.09
N LEU B 41 32.49 -24.49 24.50
CA LEU B 41 32.47 -23.28 25.29
C LEU B 41 31.08 -23.01 25.96
N LEU B 42 29.99 -23.32 25.26
CA LEU B 42 28.66 -23.19 25.85
C LEU B 42 28.55 -24.07 27.08
N LYS B 43 29.04 -25.30 26.97
CA LYS B 43 28.93 -26.26 28.07
C LYS B 43 29.82 -25.83 29.23
N GLN B 44 31.04 -25.42 28.94
CA GLN B 44 31.95 -24.97 29.98
C GLN B 44 31.41 -23.77 30.77
N TYR B 45 30.92 -22.75 30.06
CA TYR B 45 30.46 -21.55 30.74
C TYR B 45 29.07 -21.68 31.33
N GLY B 46 28.21 -22.46 30.65
CA GLY B 46 26.81 -22.59 31.02
C GLY B 46 26.48 -23.69 32.00
N GLY B 47 27.31 -24.71 32.07
CA GLY B 47 27.02 -25.84 32.92
C GLY B 47 25.73 -26.53 32.53
N ALA B 48 24.96 -26.97 33.52
CA ALA B 48 23.74 -27.74 33.27
C ALA B 48 22.59 -26.94 32.60
N ASP B 49 22.67 -25.62 32.65
CA ASP B 49 21.68 -24.74 32.04
C ASP B 49 22.06 -24.21 30.68
N TRP B 50 23.12 -24.77 30.08
CA TRP B 50 23.60 -24.24 28.82
C TRP B 50 22.52 -24.22 27.73
N GLU B 51 21.69 -25.26 27.65
CA GLU B 51 20.69 -25.34 26.57
C GLU B 51 19.63 -24.25 26.72
N LYS B 52 19.26 -23.97 27.97
CA LYS B 52 18.28 -22.93 28.25
C LYS B 52 18.81 -21.56 27.87
N ASP B 53 20.07 -21.26 28.23
CA ASP B 53 20.75 -20.06 27.83
C ASP B 53 20.95 -19.97 26.30
N ALA B 54 21.31 -21.09 25.68
CA ALA B 54 21.45 -21.12 24.21
C ALA B 54 20.16 -20.72 23.48
N LYS B 55 19.03 -21.18 23.97
CA LYS B 55 17.75 -20.77 23.47
C LYS B 55 17.60 -19.24 23.44
N LYS B 56 17.97 -18.59 24.54
CA LYS B 56 17.93 -17.14 24.60
C LYS B 56 18.83 -16.51 23.58
N MET B 57 20.06 -17.03 23.46
CA MET B 57 20.99 -16.49 22.49
C MET B 57 20.57 -16.69 21.03
N ILE B 58 19.91 -17.79 20.74
CA ILE B 58 19.33 -17.98 19.41
C ILE B 58 18.26 -16.90 19.16
N VAL B 59 17.42 -16.65 20.16
CA VAL B 59 16.36 -15.65 19.96
C VAL B 59 16.99 -14.28 19.66
N LEU B 60 18.05 -13.92 20.41
CA LEU B 60 18.72 -12.67 20.16
C LEU B 60 19.33 -12.61 18.78
N ALA B 61 20.00 -13.71 18.40
CA ALA B 61 20.68 -13.75 17.09
C ALA B 61 19.65 -13.58 15.95
N LEU B 62 18.50 -14.24 16.06
CA LEU B 62 17.50 -14.19 14.97
C LEU B 62 16.74 -12.87 14.93
N THR B 63 16.43 -12.31 16.10
CA THR B 63 15.49 -11.18 16.16
C THR B 63 16.19 -9.83 16.41
N ARG B 64 17.37 -9.83 17.00
CA ARG B 64 18.01 -8.59 17.38
C ARG B 64 19.37 -8.34 16.73
N GLY B 65 20.16 -9.39 16.46
CA GLY B 65 21.37 -9.24 15.68
C GLY B 65 22.60 -9.83 16.32
N ASN B 66 23.76 -9.25 16.07
CA ASN B 66 25.00 -9.83 16.57
C ASN B 66 25.85 -8.92 17.43
N LYS B 67 25.26 -7.84 17.95
CA LYS B 67 25.97 -6.89 18.79
C LYS B 67 25.26 -6.79 20.15
N PRO B 68 25.60 -7.68 21.10
CA PRO B 68 24.89 -7.75 22.38
C PRO B 68 24.79 -6.44 23.17
N ARG B 69 25.88 -5.67 23.29
CA ARG B 69 25.85 -4.41 24.04
C ARG B 69 24.89 -3.41 23.41
N ARG B 70 24.94 -3.31 22.09
CA ARG B 70 24.11 -2.36 21.36
C ARG B 70 22.63 -2.68 21.50
N MET B 71 22.26 -3.95 21.33
CA MET B 71 20.84 -4.34 21.39
C MET B 71 20.20 -4.13 22.78
N MET B 72 20.99 -4.14 23.84
CA MET B 72 20.46 -3.88 25.19
C MET B 72 19.90 -2.48 25.30
N MET B 73 20.65 -1.51 24.77
CA MET B 73 20.31 -0.09 24.89
C MET B 73 18.81 0.20 24.89
N LYS B 74 18.04 -0.42 24.01
CA LYS B 74 16.62 -0.09 23.90
C LYS B 74 15.63 -1.15 24.39
N MET B 75 16.12 -2.07 25.21
CA MET B 75 15.31 -3.13 25.81
C MET B 75 14.66 -2.66 27.10
N SER B 76 13.69 -3.44 27.56
CA SER B 76 13.14 -3.30 28.92
C SER B 76 14.23 -3.57 29.94
N LYS B 77 14.01 -3.18 31.21
CA LYS B 77 14.97 -3.45 32.27
C LYS B 77 15.15 -4.98 32.48
N GLU B 78 14.08 -5.74 32.31
CA GLU B 78 14.12 -7.20 32.43
C GLU B 78 14.97 -7.86 31.33
N GLY B 79 14.73 -7.43 30.08
CA GLY B 79 15.55 -7.85 28.93
C GLY B 79 17.01 -7.51 29.09
N LYS B 80 17.28 -6.25 29.45
CA LYS B 80 18.65 -5.74 29.63
C LYS B 80 19.40 -6.58 30.65
N ALA B 81 18.79 -6.83 31.80
CA ALA B 81 19.37 -7.68 32.83
C ALA B 81 19.70 -9.11 32.33
N THR B 82 18.77 -9.68 31.56
CA THR B 82 19.02 -11.01 30.99
C THR B 82 20.24 -10.99 30.05
N VAL B 83 20.26 -10.06 29.09
CA VAL B 83 21.38 -9.97 28.14
C VAL B 83 22.71 -9.62 28.84
N GLU B 84 22.69 -8.72 29.83
CA GLU B 84 23.88 -8.47 30.64
C GLU B 84 24.43 -9.75 31.28
N ALA B 85 23.55 -10.56 31.85
CA ALA B 85 24.01 -11.76 32.54
C ALA B 85 24.57 -12.77 31.53
N LEU B 86 24.07 -12.71 30.30
CA LEU B 86 24.58 -13.58 29.20
C LEU B 86 25.97 -13.13 28.72
N ILE B 87 26.16 -11.82 28.55
CA ILE B 87 27.46 -11.31 28.14
C ILE B 87 28.55 -11.73 29.14
N ASN B 88 28.27 -11.57 30.43
CA ASN B 88 29.26 -11.84 31.45
C ASN B 88 29.52 -13.34 31.65
N LYS B 89 28.47 -14.17 31.51
CA LYS B 89 28.62 -15.63 31.72
C LYS B 89 29.29 -16.29 30.51
N TYR B 90 28.87 -15.93 29.30
CA TYR B 90 29.43 -16.49 28.07
C TYR B 90 30.56 -15.69 27.44
N LYS B 91 30.85 -14.54 28.03
CA LYS B 91 31.88 -13.65 27.50
C LYS B 91 31.67 -13.32 26.02
N LEU B 92 30.43 -12.93 25.68
CA LEU B 92 30.04 -12.76 24.29
C LEU B 92 30.80 -11.61 23.63
N LYS B 93 31.21 -11.82 22.40
CA LYS B 93 31.93 -10.83 21.60
C LYS B 93 31.11 -10.48 20.37
N GLU B 94 31.54 -9.44 19.65
CA GLU B 94 30.94 -9.04 18.37
C GLU B 94 31.88 -9.39 17.22
N GLY B 95 31.46 -9.17 15.99
CA GLY B 95 32.32 -9.31 14.82
C GLY B 95 32.77 -10.74 14.59
N ASN B 96 34.03 -10.91 14.16
CA ASN B 96 34.60 -12.22 13.91
C ASN B 96 35.80 -12.43 14.83
N PRO B 97 35.54 -12.78 16.10
CA PRO B 97 36.66 -12.86 17.05
C PRO B 97 37.42 -14.18 16.88
N SER B 98 38.39 -14.42 17.74
CA SER B 98 39.23 -15.60 17.62
C SER B 98 38.42 -16.86 17.88
N ARG B 99 39.05 -17.99 17.57
CA ARG B 99 38.39 -19.27 17.56
C ARG B 99 37.77 -19.72 18.88
N ASP B 100 38.26 -19.21 20.01
CA ASP B 100 37.77 -19.66 21.32
C ASP B 100 36.83 -18.66 21.96
N GLU B 101 36.13 -17.88 21.13
CA GLU B 101 35.19 -16.89 21.61
C GLU B 101 33.81 -17.15 21.03
N LEU B 102 32.81 -16.85 21.84
CA LEU B 102 31.43 -17.00 21.47
C LEU B 102 30.91 -15.68 20.93
N THR B 103 30.07 -15.78 19.91
CA THR B 103 29.21 -14.66 19.50
C THR B 103 27.76 -15.20 19.36
N LEU B 104 26.78 -14.31 19.28
CA LEU B 104 25.42 -14.77 19.09
C LEU B 104 25.25 -15.52 17.77
N SER B 105 25.86 -15.01 16.71
CA SER B 105 25.87 -15.71 15.42
C SER B 105 26.51 -17.09 15.48
N ARG B 106 27.65 -17.23 16.14
CA ARG B 106 28.22 -18.58 16.21
C ARG B 106 27.35 -19.59 16.97
N VAL B 107 26.68 -19.15 18.02
CA VAL B 107 25.73 -19.99 18.77
C VAL B 107 24.59 -20.48 17.88
N ALA B 108 23.98 -19.56 17.16
CA ALA B 108 22.91 -19.88 16.26
C ALA B 108 23.37 -20.95 15.25
N ALA B 109 24.57 -20.74 14.70
CA ALA B 109 25.10 -21.59 13.63
C ALA B 109 25.47 -22.93 14.14
N ALA B 110 26.09 -22.98 15.33
CA ALA B 110 26.50 -24.26 15.95
C ALA B 110 25.29 -25.10 16.39
N LEU B 111 24.18 -24.43 16.70
CA LEU B 111 22.93 -25.13 17.04
C LEU B 111 21.89 -24.96 15.90
N ALA B 112 22.36 -25.12 14.66
CA ALA B 112 21.51 -24.95 13.47
C ALA B 112 20.21 -25.69 13.56
N GLY B 113 20.23 -26.90 14.10
CA GLY B 113 18.99 -27.69 14.22
C GLY B 113 17.93 -27.04 15.10
N ARG B 114 18.36 -26.40 16.19
CA ARG B 114 17.43 -25.69 17.06
CA ARG B 114 17.43 -25.70 17.05
C ARG B 114 17.01 -24.39 16.37
N THR B 115 17.99 -23.71 15.80
CA THR B 115 17.78 -22.41 15.20
C THR B 115 16.72 -22.51 14.12
N CYS B 116 16.84 -23.53 13.25
CA CYS B 116 15.96 -23.64 12.09
C CYS B 116 14.56 -24.02 12.49
N GLN B 117 14.41 -24.81 13.58
CA GLN B 117 13.08 -25.12 14.11
C GLN B 117 12.42 -23.88 14.72
N ALA B 118 13.20 -23.01 15.38
CA ALA B 118 12.68 -21.77 15.97
C ALA B 118 12.06 -20.79 14.96
N LEU B 119 12.58 -20.82 13.73
CA LEU B 119 12.07 -20.00 12.66
C LEU B 119 10.57 -20.23 12.40
N VAL B 120 10.06 -21.42 12.71
CA VAL B 120 8.63 -21.70 12.53
C VAL B 120 7.81 -20.71 13.38
N VAL B 121 8.25 -20.47 14.61
CA VAL B 121 7.55 -19.59 15.52
C VAL B 121 7.98 -18.15 15.32
N LEU B 122 9.25 -17.90 15.00
CA LEU B 122 9.77 -16.56 14.95
C LEU B 122 9.73 -15.89 13.58
N SER B 123 9.06 -16.50 12.62
CA SER B 123 8.95 -15.98 11.25
C SER B 123 8.74 -14.45 11.09
N GLU B 124 7.84 -13.87 11.91
CA GLU B 124 7.40 -12.48 11.75
C GLU B 124 8.31 -11.51 12.51
N TRP B 125 9.30 -12.07 13.20
CA TRP B 125 10.34 -11.25 13.87
C TRP B 125 11.63 -11.05 13.08
N LEU B 126 11.78 -11.76 11.96
CA LEU B 126 13.03 -11.81 11.22
C LEU B 126 13.17 -10.65 10.26
N PRO B 127 14.42 -10.28 9.91
CA PRO B 127 14.62 -9.18 8.93
C PRO B 127 13.89 -9.39 7.59
N VAL B 128 13.72 -10.64 7.17
CA VAL B 128 12.77 -11.02 6.12
C VAL B 128 11.78 -12.01 6.68
N THR B 129 10.49 -11.64 6.64
CA THR B 129 9.47 -12.43 7.31
C THR B 129 8.91 -13.52 6.40
N GLY B 130 8.27 -14.50 7.01
CA GLY B 130 7.65 -15.58 6.28
C GLY B 130 6.59 -15.05 5.34
N THR B 131 5.89 -14.00 5.77
CA THR B 131 4.86 -13.43 4.92
C THR B 131 5.47 -12.84 3.68
N THR B 132 6.62 -12.18 3.81
CA THR B 132 7.32 -11.65 2.64
C THR B 132 7.76 -12.80 1.72
N MET B 133 8.35 -13.85 2.27
CA MET B 133 8.73 -14.98 1.47
C MET B 133 7.51 -15.60 0.74
N ASP B 134 6.37 -15.66 1.42
CA ASP B 134 5.17 -16.24 0.81
C ASP B 134 4.72 -15.47 -0.46
N GLY B 135 5.05 -14.18 -0.50
CA GLY B 135 4.83 -13.33 -1.66
C GLY B 135 5.66 -13.77 -2.85
N LEU B 136 6.81 -14.38 -2.59
CA LEU B 136 7.73 -14.84 -3.64
C LEU B 136 7.47 -16.26 -4.09
N SER B 137 7.09 -17.11 -3.15
CA SER B 137 6.72 -18.48 -3.44
C SER B 137 5.82 -18.96 -2.34
N PRO B 138 4.63 -19.49 -2.68
CA PRO B 138 3.66 -19.77 -1.64
C PRO B 138 4.14 -20.88 -0.72
N ALA B 139 3.80 -20.74 0.55
CA ALA B 139 4.14 -21.72 1.57
C ALA B 139 5.64 -21.99 1.62
N TYR B 140 6.41 -20.90 1.63
CA TYR B 140 7.85 -20.92 1.63
C TYR B 140 8.32 -21.56 2.95
N PRO B 141 9.27 -22.51 2.88
CA PRO B 141 9.59 -23.22 4.10
C PRO B 141 10.31 -22.34 5.15
N ARG B 142 9.65 -22.16 6.29
CA ARG B 142 10.23 -21.36 7.38
C ARG B 142 11.59 -21.88 7.86
N HIS B 143 11.77 -23.19 7.84
CA HIS B 143 13.04 -23.80 8.30
C HIS B 143 14.27 -23.36 7.49
N MET B 144 14.06 -22.76 6.31
CA MET B 144 15.14 -22.35 5.44
C MET B 144 15.55 -20.95 5.68
N MET B 145 14.85 -20.25 6.59
CA MET B 145 14.91 -18.80 6.65
C MET B 145 15.99 -18.27 7.57
N HIS B 146 17.19 -18.85 7.46
CA HIS B 146 18.36 -18.34 8.16
C HIS B 146 19.63 -18.92 7.47
N PRO B 147 20.74 -18.17 7.43
CA PRO B 147 21.93 -18.77 6.78
C PRO B 147 22.40 -20.08 7.37
N SER B 148 22.09 -20.32 8.65
CA SER B 148 22.52 -21.52 9.36
C SER B 148 21.85 -22.75 8.79
N PHE B 149 20.76 -22.57 8.03
CA PHE B 149 20.12 -23.71 7.37
C PHE B 149 21.12 -24.52 6.49
N ALA B 150 22.09 -23.86 5.87
CA ALA B 150 23.09 -24.56 5.05
C ALA B 150 23.79 -25.74 5.79
N GLY B 151 23.99 -25.59 7.10
CA GLY B 151 24.56 -26.66 7.96
C GLY B 151 23.62 -27.83 8.20
N MET B 152 22.37 -27.70 7.76
CA MET B 152 21.40 -28.78 7.78
C MET B 152 21.29 -29.54 6.47
N VAL B 153 21.97 -29.07 5.44
CA VAL B 153 21.85 -29.67 4.13
C VAL B 153 22.78 -30.90 4.03
N ASP B 154 22.22 -32.05 3.69
CA ASP B 154 23.02 -33.29 3.44
C ASP B 154 23.57 -33.32 1.99
N PRO B 155 24.89 -33.12 1.81
CA PRO B 155 25.46 -33.07 0.45
C PRO B 155 25.39 -34.40 -0.34
N SER B 156 25.03 -35.46 0.36
CA SER B 156 24.94 -36.77 -0.22
C SER B 156 23.55 -36.99 -0.78
N LEU B 157 22.62 -36.02 -0.61
CA LEU B 157 21.36 -36.13 -1.34
C LEU B 157 21.65 -36.26 -2.82
N PRO B 158 20.83 -37.04 -3.55
CA PRO B 158 20.86 -37.04 -5.01
C PRO B 158 20.89 -35.65 -5.60
N GLY B 159 21.83 -35.45 -6.55
CA GLY B 159 22.14 -34.14 -7.13
C GLY B 159 20.96 -33.24 -7.42
N ASP B 160 19.90 -33.83 -7.97
CA ASP B 160 18.69 -33.07 -8.30
C ASP B 160 17.97 -32.57 -7.05
N TYR B 161 17.82 -33.45 -6.07
CA TYR B 161 17.17 -33.14 -4.81
C TYR B 161 18.00 -32.09 -4.06
N LEU B 162 19.33 -32.28 -4.05
CA LEU B 162 20.24 -31.36 -3.42
C LEU B 162 20.13 -29.98 -4.04
N ARG B 163 20.10 -29.90 -5.37
CA ARG B 163 20.02 -28.63 -6.03
C ARG B 163 18.68 -27.94 -5.73
N ALA B 164 17.59 -28.68 -5.67
CA ALA B 164 16.29 -28.09 -5.32
C ALA B 164 16.29 -27.47 -3.89
N ILE B 165 16.89 -28.16 -2.92
CA ILE B 165 17.00 -27.66 -1.56
C ILE B 165 17.85 -26.38 -1.48
N LEU B 166 19.00 -26.35 -2.15
CA LEU B 166 19.84 -25.15 -2.12
C LEU B 166 19.26 -23.99 -2.98
N ASP B 167 18.62 -24.28 -4.11
CA ASP B 167 17.91 -23.24 -4.89
C ASP B 167 16.74 -22.61 -4.09
N ALA B 168 15.97 -23.44 -3.41
CA ALA B 168 14.88 -23.04 -2.51
C ALA B 168 15.42 -22.11 -1.39
N HIS B 169 16.50 -22.55 -0.75
CA HIS B 169 17.17 -21.76 0.31
C HIS B 169 17.80 -20.46 -0.21
N SER B 170 18.34 -20.52 -1.43
CA SER B 170 18.88 -19.36 -2.08
C SER B 170 17.79 -18.31 -2.36
N LEU B 171 16.52 -18.69 -2.49
CA LEU B 171 15.47 -17.63 -2.66
C LEU B 171 15.46 -16.71 -1.41
N TYR B 172 15.53 -17.31 -0.23
CA TYR B 172 15.67 -16.56 1.01
C TYR B 172 16.96 -15.73 1.07
N LEU B 173 18.12 -16.33 0.80
CA LEU B 173 19.38 -15.61 0.91
C LEU B 173 19.44 -14.35 0.01
N LEU B 174 18.84 -14.45 -1.17
CA LEU B 174 18.75 -13.32 -2.11
C LEU B 174 18.03 -12.12 -1.44
N GLN B 175 16.89 -12.42 -0.83
CA GLN B 175 16.09 -11.43 -0.10
C GLN B 175 16.87 -10.90 1.11
N PHE B 176 17.40 -11.80 1.92
CA PHE B 176 18.17 -11.43 3.13
C PHE B 176 19.40 -10.58 2.83
N SER B 177 20.18 -10.97 1.84
CA SER B 177 21.32 -10.16 1.42
C SER B 177 20.92 -8.72 1.01
N ARG B 178 19.75 -8.59 0.44
CA ARG B 178 19.29 -7.29 -0.01
C ARG B 178 18.78 -6.43 1.14
N VAL B 179 18.38 -7.07 2.25
CA VAL B 179 17.99 -6.31 3.43
C VAL B 179 19.23 -5.82 4.18
N ILE B 180 20.23 -6.69 4.33
CA ILE B 180 21.45 -6.25 5.03
C ILE B 180 22.36 -5.30 4.21
N ASN B 181 22.44 -5.47 2.88
CA ASN B 181 23.09 -4.49 2.01
C ASN B 181 22.13 -3.94 0.95
N PRO B 182 21.37 -2.86 1.30
CA PRO B 182 20.38 -2.29 0.41
C PRO B 182 20.88 -1.99 -1.01
N ASN B 183 22.17 -1.73 -1.15
CA ASN B 183 22.75 -1.50 -2.47
C ASN B 183 22.61 -2.71 -3.41
N LEU B 184 22.52 -3.92 -2.86
CA LEU B 184 22.29 -5.11 -3.65
C LEU B 184 20.87 -5.26 -4.21
N ARG B 185 19.93 -4.42 -3.75
CA ARG B 185 18.59 -4.39 -4.34
C ARG B 185 18.64 -4.12 -5.85
N GLY B 186 19.52 -3.22 -6.26
CA GLY B 186 19.64 -2.87 -7.69
C GLY B 186 20.66 -3.68 -8.47
N ARG B 187 21.23 -4.72 -7.85
CA ARG B 187 22.20 -5.58 -8.55
C ARG B 187 21.54 -6.88 -9.02
N THR B 188 22.17 -7.51 -10.00
CA THR B 188 21.60 -8.71 -10.61
C THR B 188 21.60 -9.84 -9.57
N LYS B 189 20.72 -10.81 -9.80
CA LYS B 189 20.61 -11.97 -8.92
C LYS B 189 21.96 -12.65 -8.78
N GLU B 190 22.64 -12.86 -9.91
CA GLU B 190 23.93 -13.53 -9.85
C GLU B 190 25.00 -12.73 -9.08
N GLU B 191 24.98 -11.39 -9.13
CA GLU B 191 25.91 -10.59 -8.32
C GLU B 191 25.64 -10.77 -6.82
N VAL B 192 24.36 -10.78 -6.45
CA VAL B 192 23.97 -11.02 -5.05
C VAL B 192 24.32 -12.44 -4.61
N ALA B 193 24.04 -13.44 -5.44
CA ALA B 193 24.41 -14.84 -5.17
C ALA B 193 25.93 -15.02 -4.91
N ALA B 194 26.76 -14.22 -5.57
CA ALA B 194 28.20 -14.33 -5.35
C ALA B 194 28.58 -13.93 -3.91
N THR B 195 27.72 -13.15 -3.24
CA THR B 195 28.01 -12.71 -1.87
C THR B 195 27.59 -13.72 -0.82
N PHE B 196 26.73 -14.67 -1.18
CA PHE B 196 26.24 -15.65 -0.20
C PHE B 196 26.55 -17.09 -0.49
N THR B 197 26.92 -17.42 -1.74
CA THR B 197 27.11 -18.82 -2.16
C THR B 197 28.31 -19.53 -1.49
N GLN B 198 29.42 -18.84 -1.31
CA GLN B 198 30.58 -19.50 -0.75
C GLN B 198 30.41 -19.93 0.71
N PRO B 199 29.84 -19.05 1.57
CA PRO B 199 29.59 -19.50 2.94
C PRO B 199 28.49 -20.57 3.02
N MET B 200 27.46 -20.45 2.19
CA MET B 200 26.45 -21.50 2.09
C MET B 200 27.14 -22.84 1.78
N ASN B 201 27.94 -22.87 0.71
CA ASN B 201 28.61 -24.08 0.31
C ASN B 201 29.58 -24.62 1.36
N ALA B 202 30.31 -23.74 2.07
CA ALA B 202 31.15 -24.15 3.19
C ALA B 202 30.38 -24.93 4.25
N ALA B 203 29.20 -24.43 4.64
CA ALA B 203 28.36 -25.10 5.63
C ALA B 203 27.76 -26.41 5.10
N VAL B 204 27.32 -26.43 3.85
CA VAL B 204 26.84 -27.66 3.20
C VAL B 204 27.89 -28.79 3.29
N ASN B 205 29.14 -28.42 3.08
CA ASN B 205 30.24 -29.41 2.99
C ASN B 205 31.14 -29.56 4.24
N SER B 206 30.77 -28.91 5.35
CA SER B 206 31.60 -28.97 6.56
C SER B 206 31.41 -30.31 7.24
N ASN B 207 32.29 -30.64 8.17
CA ASN B 207 32.17 -31.96 8.78
C ASN B 207 31.27 -32.02 10.02
N PHE B 208 30.52 -30.94 10.29
CA PHE B 208 29.79 -30.81 11.54
C PHE B 208 28.31 -31.21 11.37
N ILE B 209 27.91 -32.24 12.12
CA ILE B 209 26.65 -32.96 11.95
C ILE B 209 26.69 -33.85 10.70
N SER B 210 26.53 -35.15 10.93
CA SER B 210 26.62 -36.22 9.91
C SER B 210 25.62 -36.12 8.77
N HIS B 211 25.96 -36.68 7.63
CA HIS B 211 25.01 -36.75 6.52
C HIS B 211 23.67 -37.27 7.01
N GLU B 212 23.75 -38.31 7.83
CA GLU B 212 22.58 -39.00 8.32
C GLU B 212 21.74 -38.13 9.24
N LYS B 213 22.39 -37.45 10.17
CA LYS B 213 21.69 -36.58 11.11
C LYS B 213 21.07 -35.38 10.43
N ARG B 214 21.76 -34.85 9.41
CA ARG B 214 21.26 -33.71 8.62
C ARG B 214 20.03 -34.11 7.84
N ARG B 215 20.12 -35.23 7.14
CA ARG B 215 18.94 -35.68 6.42
C ARG B 215 17.76 -35.96 7.36
N GLU B 216 18.01 -36.45 8.57
CA GLU B 216 16.92 -36.67 9.57
C GLU B 216 16.22 -35.34 9.95
N PHE B 217 17.01 -34.33 10.25
CA PHE B 217 16.51 -32.96 10.45
C PHE B 217 15.68 -32.53 9.23
N LEU B 218 16.20 -32.71 8.01
CA LEU B 218 15.45 -32.28 6.83
C LEU B 218 14.12 -33.04 6.70
N LYS B 219 14.10 -34.30 7.12
CA LYS B 219 12.85 -35.09 7.10
C LYS B 219 11.90 -34.61 8.20
N ALA B 220 12.42 -34.46 9.42
CA ALA B 220 11.66 -33.91 10.56
C ALA B 220 11.09 -32.50 10.28
N PHE B 221 11.80 -31.71 9.50
CA PHE B 221 11.38 -30.39 9.11
C PHE B 221 10.36 -30.39 7.98
N GLY B 222 10.02 -31.56 7.43
CA GLY B 222 9.11 -31.67 6.31
C GLY B 222 9.68 -31.24 4.95
N LEU B 223 10.98 -31.09 4.84
CA LEU B 223 11.57 -30.53 3.60
C LEU B 223 11.85 -31.66 2.58
N VAL B 224 12.08 -32.87 3.07
CA VAL B 224 12.27 -34.04 2.19
C VAL B 224 11.53 -35.26 2.76
N ASP B 225 11.16 -36.21 1.91
CA ASP B 225 10.47 -37.42 2.36
C ASP B 225 11.45 -38.53 2.75
N SER B 226 10.94 -39.72 3.02
CA SER B 226 11.77 -40.83 3.48
C SER B 226 12.89 -41.18 2.51
N ASN B 227 12.71 -40.84 1.22
CA ASN B 227 13.68 -41.14 0.17
C ASN B 227 14.51 -39.95 -0.29
N GLY B 228 14.43 -38.83 0.43
CA GLY B 228 15.24 -37.63 0.11
C GLY B 228 14.61 -36.62 -0.85
N LYS B 229 13.43 -36.96 -1.40
CA LYS B 229 12.77 -36.15 -2.43
C LYS B 229 12.16 -34.89 -1.79
N PRO B 230 12.44 -33.71 -2.33
CA PRO B 230 11.97 -32.48 -1.64
C PRO B 230 10.48 -32.31 -1.69
N SER B 231 9.92 -31.58 -0.73
CA SER B 231 8.47 -31.34 -0.70
C SER B 231 8.01 -30.46 -1.86
N ALA B 232 6.70 -30.43 -2.07
CA ALA B 232 6.16 -29.59 -3.15
C ALA B 232 6.54 -28.11 -2.98
N ALA B 233 6.55 -27.62 -1.74
CA ALA B 233 6.90 -26.19 -1.49
C ALA B 233 8.39 -25.88 -1.72
N VAL B 234 9.25 -26.86 -1.45
CA VAL B 234 10.67 -26.71 -1.79
C VAL B 234 10.83 -26.63 -3.29
N MET B 235 10.15 -27.53 -4.00
CA MET B 235 10.24 -27.49 -5.46
C MET B 235 9.72 -26.19 -6.02
N ALA B 236 8.60 -25.65 -5.53
CA ALA B 236 8.13 -24.33 -5.99
C ALA B 236 9.14 -23.18 -5.72
N ALA B 237 9.73 -23.16 -4.52
CA ALA B 237 10.75 -22.15 -4.19
C ALA B 237 12.00 -22.23 -5.07
N ALA B 238 12.44 -23.45 -5.39
CA ALA B 238 13.58 -23.65 -6.31
C ALA B 238 13.31 -23.07 -7.67
N GLN B 239 12.10 -23.33 -8.17
CA GLN B 239 11.67 -22.77 -9.45
C GLN B 239 11.53 -21.22 -9.40
N ALA B 240 10.98 -20.71 -8.31
CA ALA B 240 10.94 -19.27 -8.13
C ALA B 240 12.33 -18.68 -8.13
N TYR B 241 13.31 -19.36 -7.52
CA TYR B 241 14.66 -18.81 -7.51
C TYR B 241 15.23 -18.75 -8.94
N LYS B 242 14.93 -19.78 -9.71
CA LYS B 242 15.36 -19.81 -11.10
C LYS B 242 14.86 -18.64 -11.93
N THR B 243 13.67 -18.11 -11.64
CA THR B 243 13.07 -16.96 -12.36
C THR B 243 13.21 -15.60 -11.63
N ALA B 244 13.72 -15.64 -10.40
CA ALA B 244 13.75 -14.46 -9.54
C ALA B 244 14.64 -13.34 -10.05
N ALA B 245 14.17 -12.12 -9.84
CA ALA B 245 14.97 -10.92 -10.10
C ALA B 245 16.05 -10.75 -9.03
N MET C 1 2.49 15.04 -2.73
CA MET C 1 1.87 14.67 -4.06
C MET C 1 2.17 13.20 -4.43
N ASP C 2 1.43 12.65 -5.40
CA ASP C 2 1.63 11.25 -5.78
C ASP C 2 3.06 11.07 -6.33
N ASN C 3 3.66 9.92 -6.06
CA ASN C 3 5.04 9.73 -6.52
C ASN C 3 5.16 9.79 -8.05
N TYR C 4 4.11 9.40 -8.76
CA TYR C 4 4.12 9.56 -10.21
C TYR C 4 4.33 11.03 -10.64
N GLN C 5 3.59 11.94 -9.99
CA GLN C 5 3.74 13.37 -10.25
C GLN C 5 5.13 13.85 -9.89
N GLU C 6 5.68 13.32 -8.79
CA GLU C 6 7.04 13.67 -8.36
C GLU C 6 8.08 13.31 -9.42
N LEU C 7 7.92 12.12 -10.01
CA LEU C 7 8.82 11.68 -11.08
C LEU C 7 8.62 12.58 -12.32
N ALA C 8 7.37 12.89 -12.65
CA ALA C 8 7.09 13.69 -13.84
C ALA C 8 7.77 15.02 -13.71
N ILE C 9 7.75 15.58 -12.50
CA ILE C 9 8.46 16.84 -12.25
C ILE C 9 9.97 16.67 -12.44
N GLN C 10 10.52 15.58 -11.93
CA GLN C 10 11.96 15.36 -12.02
C GLN C 10 12.39 15.28 -13.50
N PHE C 11 11.52 14.73 -14.35
CA PHE C 11 11.87 14.52 -15.75
C PHE C 11 11.38 15.61 -16.71
N ALA C 12 10.76 16.66 -16.17
CA ALA C 12 10.14 17.70 -17.01
C ALA C 12 11.17 18.50 -17.79
N ALA C 13 10.82 18.89 -19.00
CA ALA C 13 11.71 19.73 -19.79
C ALA C 13 11.72 21.10 -19.15
N GLN C 14 12.81 21.82 -19.34
CA GLN C 14 12.96 23.13 -18.74
C GLN C 14 13.05 24.30 -19.73
N ALA C 15 12.12 24.52 -20.66
CA ALA C 15 10.77 23.93 -20.74
C ALA C 15 10.60 23.16 -22.05
N GLU C 20 7.98 17.83 -28.69
CA GLU C 20 8.96 17.46 -29.70
C GLU C 20 8.50 16.24 -30.52
N ILE C 21 8.31 16.46 -31.82
CA ILE C 21 7.69 15.46 -32.69
C ILE C 21 8.54 14.21 -32.90
N GLU C 22 9.86 14.32 -32.77
CA GLU C 22 10.73 13.13 -32.84
C GLU C 22 10.43 12.14 -31.69
N GLN C 23 9.88 12.63 -30.59
CA GLN C 23 9.63 11.79 -29.40
C GLN C 23 8.44 10.85 -29.50
N TRP C 24 7.43 11.26 -30.26
CA TRP C 24 6.17 10.54 -30.35
C TRP C 24 5.96 9.91 -31.74
N VAL C 25 6.91 10.14 -32.65
CA VAL C 25 6.91 9.56 -34.02
C VAL C 25 7.06 8.04 -33.98
N ARG C 26 6.51 7.36 -34.98
CA ARG C 26 6.45 5.89 -34.99
C ARG C 26 5.75 5.30 -33.75
N GLU C 27 4.89 6.08 -33.10
CA GLU C 27 4.13 5.63 -31.93
C GLU C 27 3.17 4.48 -32.29
N PHE C 28 2.65 4.50 -33.51
CA PHE C 28 1.78 3.41 -33.96
C PHE C 28 2.49 2.50 -34.97
N ALA C 29 3.82 2.62 -35.05
CA ALA C 29 4.63 1.72 -35.87
C ALA C 29 4.61 0.34 -35.24
N TYR C 30 4.69 -0.68 -36.08
CA TYR C 30 4.57 -2.05 -35.60
C TYR C 30 5.77 -2.39 -34.74
N GLN C 31 5.52 -3.01 -33.59
CA GLN C 31 6.59 -3.48 -32.71
C GLN C 31 6.58 -4.99 -32.70
N GLY C 32 7.76 -5.59 -32.88
CA GLY C 32 7.91 -7.03 -32.82
C GLY C 32 8.52 -7.40 -31.48
N PHE C 33 7.66 -7.64 -30.49
CA PHE C 33 8.11 -8.03 -29.16
C PHE C 33 7.06 -8.80 -28.37
N ASP C 34 7.55 -9.44 -27.30
CA ASP C 34 6.78 -10.25 -26.41
C ASP C 34 6.85 -9.58 -25.03
N ALA C 35 5.70 -9.19 -24.48
CA ALA C 35 5.68 -8.54 -23.15
C ALA C 35 6.35 -9.39 -22.07
N ARG C 36 6.15 -10.71 -22.13
CA ARG C 36 6.78 -11.65 -21.18
C ARG C 36 8.29 -11.51 -21.20
N ARG C 37 8.81 -11.31 -22.41
CA ARG C 37 10.26 -11.15 -22.60
C ARG C 37 10.72 -9.83 -21.99
N VAL C 38 9.93 -8.77 -22.23
CA VAL C 38 10.18 -7.47 -21.64
C VAL C 38 10.33 -7.60 -20.12
N ILE C 39 9.40 -8.29 -19.48
CA ILE C 39 9.48 -8.41 -18.04
C ILE C 39 10.73 -9.20 -17.60
N GLU C 40 11.09 -10.26 -18.34
CA GLU C 40 12.29 -11.04 -18.04
C GLU C 40 13.55 -10.19 -18.06
N LEU C 41 13.67 -9.36 -19.10
CA LEU C 41 14.82 -8.48 -19.23
C LEU C 41 14.87 -7.43 -18.12
N LEU C 42 13.72 -6.83 -17.78
CA LEU C 42 13.71 -5.88 -16.65
C LEU C 42 14.30 -6.52 -15.40
N LYS C 43 13.86 -7.73 -15.10
CA LYS C 43 14.26 -8.43 -13.90
C LYS C 43 15.74 -8.76 -13.96
N GLN C 44 16.15 -9.31 -15.11
CA GLN C 44 17.57 -9.62 -15.34
C GLN C 44 18.49 -8.45 -15.11
N TYR C 45 18.18 -7.29 -15.69
CA TYR C 45 19.05 -6.11 -15.61
C TYR C 45 18.89 -5.33 -14.33
N GLY C 46 17.69 -5.29 -13.76
CA GLY C 46 17.41 -4.39 -12.65
C GLY C 46 17.40 -4.95 -11.25
N GLY C 47 17.35 -6.28 -11.12
CA GLY C 47 17.32 -6.88 -9.76
C GLY C 47 16.00 -6.54 -9.10
N ALA C 48 15.96 -6.45 -7.77
CA ALA C 48 14.70 -6.26 -7.07
C ALA C 48 14.12 -4.85 -7.31
N ASP C 49 14.99 -3.91 -7.67
CA ASP C 49 14.54 -2.56 -7.99
C ASP C 49 13.95 -2.41 -9.38
N TRP C 50 13.65 -3.50 -10.09
CA TRP C 50 13.17 -3.38 -11.46
C TRP C 50 11.81 -2.66 -11.55
N GLU C 51 10.95 -2.91 -10.56
CA GLU C 51 9.61 -2.34 -10.56
C GLU C 51 9.67 -0.86 -10.27
N LYS C 52 10.61 -0.43 -9.43
CA LYS C 52 10.79 0.99 -9.13
C LYS C 52 11.33 1.70 -10.36
N ASP C 53 12.30 1.06 -11.01
CA ASP C 53 12.85 1.58 -12.28
C ASP C 53 11.80 1.61 -13.39
N ALA C 54 10.99 0.56 -13.49
CA ALA C 54 9.95 0.49 -14.49
C ALA C 54 8.96 1.65 -14.29
N LYS C 55 8.66 1.96 -13.04
CA LYS C 55 7.79 3.10 -12.75
C LYS C 55 8.37 4.38 -13.38
N LYS C 56 9.67 4.59 -13.23
CA LYS C 56 10.32 5.76 -13.80
C LYS C 56 10.21 5.75 -15.31
N MET C 57 10.38 4.59 -15.92
CA MET C 57 10.32 4.45 -17.38
C MET C 57 8.90 4.65 -17.91
N ILE C 58 7.89 4.24 -17.14
CA ILE C 58 6.47 4.54 -17.47
C ILE C 58 6.26 6.06 -17.52
N VAL C 59 6.72 6.79 -16.49
CA VAL C 59 6.60 8.25 -16.49
C VAL C 59 7.28 8.87 -17.70
N LEU C 60 8.50 8.39 -18.02
CA LEU C 60 9.21 8.88 -19.19
C LEU C 60 8.42 8.60 -20.49
N ALA C 61 7.85 7.39 -20.62
CA ALA C 61 7.14 6.99 -21.83
C ALA C 61 5.87 7.82 -22.01
N LEU C 62 5.21 8.16 -20.91
CA LEU C 62 3.90 8.82 -20.92
C LEU C 62 4.02 10.33 -21.10
N THR C 63 5.05 10.92 -20.51
CA THR C 63 5.21 12.37 -20.40
C THR C 63 6.31 12.97 -21.27
N ARG C 64 7.31 12.18 -21.68
CA ARG C 64 8.38 12.72 -22.53
C ARG C 64 8.53 12.02 -23.88
N GLY C 65 8.13 10.76 -23.96
CA GLY C 65 8.18 10.03 -25.23
C GLY C 65 9.10 8.82 -25.27
N ASN C 66 9.66 8.59 -26.44
CA ASN C 66 10.23 7.31 -26.81
C ASN C 66 11.75 7.28 -26.99
N LYS C 67 12.41 8.43 -26.87
CA LYS C 67 13.86 8.53 -27.14
C LYS C 67 14.55 9.08 -25.91
N PRO C 68 15.11 8.18 -25.04
CA PRO C 68 15.80 8.54 -23.79
C PRO C 68 16.94 9.51 -23.97
N ARG C 69 17.82 9.27 -24.93
CA ARG C 69 18.98 10.14 -25.11
C ARG C 69 18.57 11.59 -25.42
N ARG C 70 17.55 11.73 -26.25
CA ARG C 70 17.05 13.04 -26.65
C ARG C 70 16.43 13.78 -25.46
N MET C 71 15.51 13.12 -24.78
CA MET C 71 14.80 13.76 -23.66
C MET C 71 15.71 14.22 -22.52
N MET C 72 16.86 13.57 -22.34
CA MET C 72 17.85 13.99 -21.35
C MET C 72 18.36 15.39 -21.55
N MET C 73 18.54 15.80 -22.80
CA MET C 73 19.26 17.02 -23.08
C MET C 73 18.45 18.26 -22.63
N LYS C 74 17.14 18.08 -22.54
CA LYS C 74 16.26 19.05 -21.86
C LYS C 74 15.76 18.46 -20.53
N MET C 75 16.60 18.49 -19.50
CA MET C 75 16.22 18.07 -18.14
C MET C 75 17.09 18.74 -17.11
N SER C 76 16.62 18.71 -15.87
CA SER C 76 17.42 19.06 -14.71
C SER C 76 18.60 18.09 -14.58
N LYS C 77 19.59 18.47 -13.78
CA LYS C 77 20.76 17.62 -13.62
C LYS C 77 20.38 16.34 -12.87
N GLU C 78 19.44 16.43 -11.93
CA GLU C 78 18.92 15.23 -11.25
C GLU C 78 18.34 14.27 -12.30
N GLY C 79 17.46 14.80 -13.14
CA GLY C 79 16.71 13.97 -14.10
C GLY C 79 17.59 13.36 -15.17
N LYS C 80 18.53 14.16 -15.68
CA LYS C 80 19.54 13.69 -16.63
C LYS C 80 20.28 12.48 -16.07
N ALA C 81 20.77 12.63 -14.84
CA ALA C 81 21.56 11.59 -14.19
C ALA C 81 20.77 10.30 -14.06
N THR C 82 19.48 10.41 -13.73
CA THR C 82 18.63 9.27 -13.52
C THR C 82 18.34 8.56 -14.84
N VAL C 83 18.06 9.33 -15.89
CA VAL C 83 17.82 8.75 -17.22
C VAL C 83 19.09 8.07 -17.76
N GLU C 84 20.24 8.72 -17.59
CA GLU C 84 21.50 8.10 -18.03
C GLU C 84 21.73 6.74 -17.32
N ALA C 85 21.47 6.68 -16.03
CA ALA C 85 21.64 5.41 -15.29
C ALA C 85 20.66 4.34 -15.79
N LEU C 86 19.44 4.76 -16.16
CA LEU C 86 18.45 3.82 -16.72
C LEU C 86 18.86 3.29 -18.10
N ILE C 87 19.37 4.20 -18.93
CA ILE C 87 19.77 3.82 -20.28
C ILE C 87 20.88 2.76 -20.20
N ASN C 88 21.83 2.99 -19.31
CA ASN C 88 23.00 2.14 -19.18
C ASN C 88 22.62 0.84 -18.53
N LYS C 89 21.77 0.90 -17.49
CA LYS C 89 21.36 -0.30 -16.78
C LYS C 89 20.52 -1.24 -17.63
N TYR C 90 19.53 -0.68 -18.32
CA TYR C 90 18.57 -1.47 -19.10
C TYR C 90 18.90 -1.55 -20.59
N LYS C 91 20.00 -0.96 -21.02
CA LYS C 91 20.43 -0.99 -22.41
C LYS C 91 19.30 -0.52 -23.34
N LEU C 92 18.66 0.58 -22.95
CA LEU C 92 17.46 1.07 -23.64
C LEU C 92 17.80 1.48 -25.07
N LYS C 93 16.93 1.11 -25.98
CA LYS C 93 17.05 1.41 -27.38
C LYS C 93 15.95 2.40 -27.76
N GLU C 94 15.92 2.79 -29.03
CA GLU C 94 14.85 3.63 -29.60
C GLU C 94 14.22 2.93 -30.79
N GLY C 95 13.03 3.38 -31.18
CA GLY C 95 12.37 2.85 -32.35
C GLY C 95 11.94 1.43 -32.14
N ASN C 96 12.11 0.60 -33.17
CA ASN C 96 11.62 -0.76 -33.13
C ASN C 96 12.78 -1.73 -33.23
N PRO C 97 13.52 -1.90 -32.12
CA PRO C 97 14.68 -2.79 -32.15
C PRO C 97 14.27 -4.26 -32.16
N SER C 98 15.24 -5.15 -32.12
CA SER C 98 14.93 -6.57 -32.12
C SER C 98 14.23 -7.01 -30.81
N ARG C 99 13.80 -8.27 -30.76
CA ARG C 99 12.84 -8.73 -29.75
C ARG C 99 13.35 -8.81 -28.32
N ASP C 100 14.66 -9.00 -28.19
CA ASP C 100 15.32 -9.07 -26.90
C ASP C 100 15.85 -7.70 -26.42
N GLU C 101 15.20 -6.61 -26.83
CA GLU C 101 15.68 -5.28 -26.43
C GLU C 101 14.58 -4.48 -25.75
N LEU C 102 14.97 -3.66 -24.78
CA LEU C 102 14.02 -2.83 -24.09
C LEU C 102 13.94 -1.45 -24.71
N THR C 103 12.72 -0.94 -24.81
CA THR C 103 12.46 0.45 -25.08
C THR C 103 11.37 0.94 -24.07
N LEU C 104 11.26 2.25 -23.93
CA LEU C 104 10.33 2.87 -22.97
C LEU C 104 8.93 2.49 -23.28
N SER C 105 8.58 2.52 -24.55
CA SER C 105 7.24 2.14 -24.97
C SER C 105 6.95 0.67 -24.73
N ARG C 106 7.94 -0.22 -24.87
CA ARG C 106 7.69 -1.64 -24.61
C ARG C 106 7.52 -1.88 -23.13
N VAL C 107 8.19 -1.11 -22.31
CA VAL C 107 8.06 -1.25 -20.86
C VAL C 107 6.66 -0.82 -20.43
N ALA C 108 6.21 0.33 -20.95
CA ALA C 108 4.84 0.83 -20.70
C ALA C 108 3.75 -0.17 -21.17
N ALA C 109 3.97 -0.77 -22.32
CA ALA C 109 3.04 -1.75 -22.87
C ALA C 109 3.00 -3.05 -22.07
N ALA C 110 4.18 -3.56 -21.70
CA ALA C 110 4.25 -4.77 -20.90
C ALA C 110 3.62 -4.62 -19.52
N LEU C 111 3.67 -3.40 -18.97
CA LEU C 111 3.10 -3.11 -17.66
C LEU C 111 1.82 -2.26 -17.80
N ALA C 112 0.97 -2.65 -18.73
CA ALA C 112 -0.18 -1.86 -19.11
C ALA C 112 -1.10 -1.52 -17.93
N GLY C 113 -1.26 -2.47 -17.00
CA GLY C 113 -2.04 -2.25 -15.79
C GLY C 113 -1.51 -1.13 -14.92
N ARG C 114 -0.19 -1.02 -14.82
CA ARG C 114 0.42 0.07 -14.08
C ARG C 114 0.37 1.39 -14.84
N THR C 115 0.62 1.27 -16.15
CA THR C 115 0.65 2.43 -17.02
C THR C 115 -0.72 3.11 -16.99
N CYS C 116 -1.78 2.32 -17.14
CA CYS C 116 -3.14 2.85 -17.25
C CYS C 116 -3.62 3.43 -15.92
N GLN C 117 -3.24 2.80 -14.80
CA GLN C 117 -3.50 3.38 -13.50
C GLN C 117 -2.73 4.68 -13.26
N ALA C 118 -1.51 4.80 -13.83
CA ALA C 118 -0.74 6.08 -13.74
C ALA C 118 -1.45 7.27 -14.43
N LEU C 119 -2.34 6.99 -15.39
CA LEU C 119 -2.95 8.02 -16.22
C LEU C 119 -3.88 8.93 -15.43
N VAL C 120 -4.46 8.38 -14.37
CA VAL C 120 -5.32 9.11 -13.46
C VAL C 120 -4.55 10.25 -12.81
N VAL C 121 -3.29 10.01 -12.43
CA VAL C 121 -2.45 11.06 -11.86
C VAL C 121 -1.75 11.92 -12.93
N LEU C 122 -1.34 11.32 -14.05
CA LEU C 122 -0.47 12.03 -15.02
C LEU C 122 -1.25 12.73 -16.14
N SER C 123 -2.56 12.83 -15.96
CA SER C 123 -3.47 13.34 -16.98
C SER C 123 -3.00 14.62 -17.67
N GLU C 124 -2.55 15.59 -16.89
CA GLU C 124 -2.19 16.89 -17.44
C GLU C 124 -0.79 16.95 -18.09
N TRP C 125 -0.05 15.84 -18.02
CA TRP C 125 1.29 15.78 -18.58
C TRP C 125 1.28 15.11 -19.96
N LEU C 126 0.14 14.60 -20.39
CA LEU C 126 0.08 13.83 -21.64
C LEU C 126 -0.04 14.72 -22.86
N PRO C 127 0.40 14.21 -24.04
CA PRO C 127 0.28 15.01 -25.27
C PRO C 127 -1.16 15.49 -25.49
N VAL C 128 -2.13 14.66 -25.13
CA VAL C 128 -3.53 15.04 -25.02
C VAL C 128 -3.96 14.83 -23.56
N THR C 129 -4.32 15.94 -22.90
CA THR C 129 -4.67 15.90 -21.50
C THR C 129 -6.13 15.49 -21.27
N GLY C 130 -6.41 15.08 -20.03
CA GLY C 130 -7.77 14.77 -19.60
C GLY C 130 -8.79 15.92 -19.73
N THR C 131 -8.33 17.12 -19.45
CA THR C 131 -9.16 18.32 -19.58
C THR C 131 -9.55 18.56 -21.03
N THR C 132 -8.63 18.30 -21.96
CA THR C 132 -8.95 18.38 -23.40
C THR C 132 -9.99 17.32 -23.77
N MET C 133 -9.81 16.09 -23.28
CA MET C 133 -10.77 15.01 -23.54
C MET C 133 -12.16 15.28 -22.95
N ASP C 134 -12.23 16.03 -21.85
CA ASP C 134 -13.51 16.33 -21.19
C ASP C 134 -14.36 17.31 -22.02
N GLY C 135 -13.72 18.08 -22.89
CA GLY C 135 -14.40 18.90 -23.89
C GLY C 135 -15.05 18.08 -25.01
N LEU C 136 -14.56 16.88 -25.25
CA LEU C 136 -15.09 16.03 -26.31
C LEU C 136 -16.21 15.14 -25.79
N SER C 137 -16.05 14.71 -24.54
CA SER C 137 -17.00 13.87 -23.88
C SER C 137 -16.81 14.04 -22.39
N PRO C 138 -17.82 14.57 -21.69
CA PRO C 138 -17.79 14.69 -20.25
C PRO C 138 -17.26 13.45 -19.51
N ALA C 139 -16.44 13.69 -18.49
CA ALA C 139 -15.92 12.65 -17.60
C ALA C 139 -15.16 11.54 -18.34
N TYR C 140 -14.40 11.91 -19.37
CA TYR C 140 -13.69 10.91 -20.17
C TYR C 140 -12.76 10.08 -19.27
N PRO C 141 -12.80 8.74 -19.38
CA PRO C 141 -12.02 7.87 -18.49
C PRO C 141 -10.51 8.00 -18.68
N ARG C 142 -9.81 8.42 -17.63
CA ARG C 142 -8.36 8.64 -17.73
C ARG C 142 -7.58 7.37 -18.04
N HIS C 143 -8.08 6.23 -17.57
CA HIS C 143 -7.44 4.92 -17.80
C HIS C 143 -7.36 4.54 -19.28
N MET C 144 -8.23 5.10 -20.11
CA MET C 144 -8.20 4.83 -21.53
C MET C 144 -7.13 5.63 -22.30
N MET C 145 -6.52 6.61 -21.67
CA MET C 145 -5.72 7.59 -22.38
C MET C 145 -4.26 7.19 -22.63
N HIS C 146 -4.07 5.97 -23.14
CA HIS C 146 -2.78 5.52 -23.68
C HIS C 146 -2.99 4.26 -24.54
N PRO C 147 -2.26 4.14 -25.69
CA PRO C 147 -2.51 2.98 -26.58
C PRO C 147 -2.35 1.63 -25.91
N SER C 148 -1.58 1.59 -24.83
CA SER C 148 -1.37 0.38 -24.01
C SER C 148 -2.61 -0.05 -23.27
N PHE C 149 -3.65 0.81 -23.19
CA PHE C 149 -4.96 0.38 -22.67
C PHE C 149 -5.54 -0.82 -23.45
N ALA C 150 -5.27 -0.88 -24.74
CA ALA C 150 -5.79 -1.93 -25.62
C ALA C 150 -5.53 -3.36 -25.13
N GLY C 151 -4.46 -3.54 -24.37
CA GLY C 151 -4.12 -4.83 -23.79
C GLY C 151 -4.73 -5.08 -22.43
N MET C 152 -5.58 -4.16 -21.97
CA MET C 152 -6.38 -4.41 -20.78
C MET C 152 -7.81 -4.82 -21.16
N VAL C 153 -8.11 -4.86 -22.46
CA VAL C 153 -9.46 -5.10 -22.97
C VAL C 153 -9.75 -6.62 -23.12
N ASP C 154 -10.79 -7.11 -22.45
CA ASP C 154 -11.25 -8.49 -22.60
C ASP C 154 -11.91 -8.68 -23.98
N PRO C 155 -11.32 -9.51 -24.86
CA PRO C 155 -11.86 -9.63 -26.22
C PRO C 155 -13.10 -10.52 -26.34
N SER C 156 -13.42 -11.28 -25.30
CA SER C 156 -14.57 -12.16 -25.33
C SER C 156 -15.88 -11.40 -25.11
N LEU C 157 -15.80 -10.14 -24.69
CA LEU C 157 -16.99 -9.35 -24.32
C LEU C 157 -17.99 -9.21 -25.47
N PRO C 158 -19.29 -9.05 -25.14
CA PRO C 158 -20.36 -8.88 -26.13
C PRO C 158 -20.02 -7.85 -27.23
N GLY C 159 -20.09 -8.30 -28.48
CA GLY C 159 -19.72 -7.48 -29.65
C GLY C 159 -20.08 -6.01 -29.52
N ASP C 160 -21.33 -5.73 -29.17
CA ASP C 160 -21.79 -4.36 -28.94
C ASP C 160 -21.08 -3.63 -27.77
N TYR C 161 -20.81 -4.35 -26.68
CA TYR C 161 -20.07 -3.81 -25.52
C TYR C 161 -18.60 -3.59 -25.87
N LEU C 162 -17.98 -4.61 -26.44
CA LEU C 162 -16.59 -4.56 -26.85
C LEU C 162 -16.32 -3.33 -27.71
N ARG C 163 -17.17 -3.11 -28.70
CA ARG C 163 -17.01 -1.99 -29.62
C ARG C 163 -17.07 -0.65 -28.87
N ALA C 164 -17.88 -0.59 -27.81
CA ALA C 164 -18.09 0.64 -27.04
C ALA C 164 -16.83 1.04 -26.28
N ILE C 165 -16.17 0.04 -25.70
CA ILE C 165 -14.87 0.23 -25.05
C ILE C 165 -13.87 0.70 -26.08
N LEU C 166 -13.88 0.06 -27.24
CA LEU C 166 -12.96 0.40 -28.33
C LEU C 166 -13.29 1.73 -28.99
N ASP C 167 -14.57 2.07 -29.13
CA ASP C 167 -14.95 3.37 -29.69
C ASP C 167 -14.49 4.48 -28.74
N ALA C 168 -14.82 4.29 -27.47
CA ALA C 168 -14.53 5.26 -26.39
C ALA C 168 -13.04 5.53 -26.33
N HIS C 169 -12.27 4.46 -26.17
CA HIS C 169 -10.82 4.52 -26.23
C HIS C 169 -10.33 5.13 -27.55
N SER C 170 -10.95 4.77 -28.68
CA SER C 170 -10.57 5.35 -29.99
C SER C 170 -10.81 6.87 -30.12
N LEU C 171 -11.69 7.44 -29.29
CA LEU C 171 -11.86 8.91 -29.26
C LEU C 171 -10.57 9.57 -28.80
N TYR C 172 -9.93 8.98 -27.80
CA TYR C 172 -8.60 9.42 -27.38
C TYR C 172 -7.56 9.16 -28.47
N LEU C 173 -7.53 7.94 -29.00
CA LEU C 173 -6.54 7.60 -30.03
C LEU C 173 -6.66 8.56 -31.20
N LEU C 174 -7.88 8.97 -31.52
CA LEU C 174 -8.09 9.96 -32.55
C LEU C 174 -7.39 11.31 -32.25
N GLN C 175 -7.56 11.86 -31.05
CA GLN C 175 -6.94 13.17 -30.72
C GLN C 175 -5.45 12.98 -30.63
N PHE C 176 -5.08 11.94 -29.90
CA PHE C 176 -3.68 11.64 -29.63
C PHE C 176 -2.92 11.53 -30.94
N SER C 177 -3.38 10.69 -31.85
CA SER C 177 -2.71 10.53 -33.15
C SER C 177 -2.45 11.86 -33.83
N ARG C 178 -3.46 12.73 -33.83
CA ARG C 178 -3.40 14.00 -34.54
C ARG C 178 -2.37 14.96 -33.95
N VAL C 179 -2.26 14.98 -32.63
CA VAL C 179 -1.31 15.84 -31.95
C VAL C 179 0.13 15.39 -32.23
N ILE C 180 0.36 14.08 -32.17
CA ILE C 180 1.73 13.55 -32.26
C ILE C 180 2.18 13.35 -33.71
N ASN C 181 1.24 13.03 -34.59
CA ASN C 181 1.51 12.92 -36.04
C ASN C 181 0.78 14.03 -36.81
N PRO C 182 1.52 15.08 -37.19
CA PRO C 182 0.89 16.26 -37.79
C PRO C 182 0.47 16.06 -39.25
N ASN C 183 0.78 14.92 -39.85
CA ASN C 183 0.29 14.58 -41.18
C ASN C 183 -1.14 14.10 -41.15
N LEU C 184 -1.62 13.71 -39.98
CA LEU C 184 -2.99 13.23 -39.82
C LEU C 184 -3.98 14.35 -39.54
N ARG C 185 -3.48 15.58 -39.41
CA ARG C 185 -4.31 16.76 -39.14
C ARG C 185 -5.37 16.98 -40.22
N GLY C 186 -4.96 16.91 -41.48
CA GLY C 186 -5.86 17.12 -42.61
C GLY C 186 -6.35 15.80 -43.17
N ARG C 187 -6.83 14.94 -42.28
CA ARG C 187 -7.25 13.59 -42.67
C ARG C 187 -8.48 13.20 -41.86
N THR C 188 -9.29 12.31 -42.43
CA THR C 188 -10.60 11.94 -41.87
C THR C 188 -10.49 11.08 -40.63
N LYS C 189 -11.61 10.93 -39.91
CA LYS C 189 -11.68 10.04 -38.75
C LYS C 189 -11.32 8.60 -39.09
N GLU C 190 -11.62 8.17 -40.32
CA GLU C 190 -11.28 6.82 -40.74
C GLU C 190 -9.82 6.67 -41.18
N GLU C 191 -9.31 7.65 -41.91
CA GLU C 191 -7.91 7.62 -42.37
C GLU C 191 -6.95 7.65 -41.18
N VAL C 192 -7.39 8.26 -40.08
CA VAL C 192 -6.63 8.24 -38.82
C VAL C 192 -6.90 6.93 -38.09
N ALA C 193 -8.16 6.50 -38.07
CA ALA C 193 -8.54 5.23 -37.44
C ALA C 193 -7.85 4.01 -38.06
N ALA C 194 -7.47 4.11 -39.33
CA ALA C 194 -6.78 3.03 -40.02
C ALA C 194 -5.31 2.98 -39.64
N THR C 195 -4.82 4.01 -38.96
CA THR C 195 -3.43 4.06 -38.49
C THR C 195 -3.23 3.52 -37.06
N PHE C 196 -4.29 3.47 -36.26
CA PHE C 196 -4.19 2.96 -34.89
C PHE C 196 -4.98 1.69 -34.58
N THR C 197 -5.95 1.34 -35.43
CA THR C 197 -6.80 0.17 -35.18
C THR C 197 -6.05 -1.17 -35.18
N GLN C 198 -5.01 -1.31 -35.99
CA GLN C 198 -4.27 -2.59 -36.06
C GLN C 198 -3.46 -2.88 -34.80
N PRO C 199 -2.60 -1.91 -34.37
CA PRO C 199 -1.90 -2.15 -33.11
C PRO C 199 -2.86 -2.37 -31.95
N MET C 200 -3.98 -1.63 -31.96
CA MET C 200 -5.03 -1.76 -30.95
C MET C 200 -5.60 -3.18 -30.88
N ASN C 201 -6.00 -3.73 -32.03
CA ASN C 201 -6.62 -5.05 -32.07
C ASN C 201 -5.63 -6.15 -31.72
N ALA C 202 -4.40 -6.04 -32.22
CA ALA C 202 -3.33 -6.96 -31.86
C ALA C 202 -3.24 -7.14 -30.35
N ALA C 203 -3.10 -6.03 -29.62
CA ALA C 203 -3.00 -6.08 -28.16
C ALA C 203 -4.30 -6.59 -27.52
N VAL C 204 -5.44 -6.21 -28.10
CA VAL C 204 -6.73 -6.72 -27.67
C VAL C 204 -6.77 -8.26 -27.77
N ASN C 205 -6.27 -8.79 -28.89
CA ASN C 205 -6.30 -10.24 -29.20
C ASN C 205 -5.03 -11.04 -28.82
N SER C 206 -4.04 -10.39 -28.20
CA SER C 206 -2.79 -11.08 -27.83
C SER C 206 -3.02 -12.05 -26.67
N ASN C 207 -2.01 -12.87 -26.34
CA ASN C 207 -2.14 -13.88 -25.28
C ASN C 207 -1.71 -13.38 -23.90
N PHE C 208 -1.30 -12.11 -23.81
CA PHE C 208 -0.65 -11.60 -22.62
C PHE C 208 -1.66 -10.99 -21.65
N ILE C 209 -1.67 -11.49 -20.42
CA ILE C 209 -2.74 -11.26 -19.44
C ILE C 209 -4.05 -11.88 -19.93
N SER C 210 -4.54 -12.89 -19.20
CA SER C 210 -5.66 -13.70 -19.68
C SER C 210 -6.94 -12.87 -19.80
N HIS C 211 -7.90 -13.43 -20.53
CA HIS C 211 -9.22 -12.81 -20.71
C HIS C 211 -9.81 -12.34 -19.38
N GLU C 212 -9.68 -13.16 -18.35
CA GLU C 212 -10.27 -12.90 -17.03
C GLU C 212 -9.60 -11.77 -16.23
N LYS C 213 -8.28 -11.75 -16.18
CA LYS C 213 -7.56 -10.75 -15.37
C LYS C 213 -7.68 -9.36 -15.99
N ARG C 214 -7.79 -9.31 -17.31
CA ARG C 214 -8.12 -8.09 -18.04
C ARG C 214 -9.47 -7.51 -17.58
N ARG C 215 -10.44 -8.37 -17.29
CA ARG C 215 -11.73 -7.95 -16.77
C ARG C 215 -11.63 -7.43 -15.32
N GLU C 216 -10.78 -8.08 -14.53
CA GLU C 216 -10.45 -7.63 -13.19
C GLU C 216 -9.92 -6.19 -13.20
N PHE C 217 -9.05 -5.88 -14.16
CA PHE C 217 -8.54 -4.52 -14.33
C PHE C 217 -9.63 -3.53 -14.73
N LEU C 218 -10.42 -3.87 -15.76
CA LEU C 218 -11.50 -2.98 -16.20
C LEU C 218 -12.49 -2.66 -15.08
N LYS C 219 -12.74 -3.61 -14.16
CA LYS C 219 -13.60 -3.38 -13.01
C LYS C 219 -12.93 -2.51 -11.96
N ALA C 220 -11.68 -2.85 -11.65
CA ALA C 220 -10.86 -2.02 -10.76
C ALA C 220 -10.64 -0.59 -11.31
N PHE C 221 -10.72 -0.43 -12.63
CA PHE C 221 -10.58 0.90 -13.27
C PHE C 221 -11.90 1.69 -13.31
N GLY C 222 -12.95 1.16 -12.69
CA GLY C 222 -14.28 1.76 -12.75
C GLY C 222 -14.92 1.77 -14.13
N LEU C 223 -14.42 0.99 -15.08
CA LEU C 223 -14.85 1.12 -16.47
C LEU C 223 -16.01 0.20 -16.86
N VAL C 224 -16.21 -0.90 -16.14
CA VAL C 224 -17.26 -1.85 -16.48
C VAL C 224 -17.82 -2.58 -15.26
N ASP C 225 -18.94 -3.27 -15.48
CA ASP C 225 -19.49 -4.21 -14.51
C ASP C 225 -19.12 -5.65 -14.91
N SER C 226 -19.53 -6.60 -14.08
CA SER C 226 -19.13 -8.00 -14.25
C SER C 226 -19.55 -8.63 -15.59
N ASN C 227 -20.63 -8.16 -16.19
CA ASN C 227 -21.01 -8.60 -17.54
C ASN C 227 -20.26 -7.84 -18.62
N GLY C 228 -19.54 -6.79 -18.24
CA GLY C 228 -18.77 -5.96 -19.16
C GLY C 228 -19.52 -4.73 -19.62
N LYS C 229 -20.54 -4.31 -18.87
CA LYS C 229 -21.34 -3.14 -19.24
C LYS C 229 -20.50 -1.90 -19.02
N PRO C 230 -20.23 -1.15 -20.10
CA PRO C 230 -19.46 0.07 -19.91
C PRO C 230 -20.11 1.07 -18.95
N SER C 231 -19.28 1.83 -18.24
CA SER C 231 -19.75 2.97 -17.45
C SER C 231 -20.56 3.93 -18.30
N ALA C 232 -21.32 4.80 -17.65
CA ALA C 232 -22.00 5.88 -18.34
C ALA C 232 -20.97 6.70 -19.11
N ALA C 233 -19.89 7.07 -18.43
CA ALA C 233 -18.80 7.84 -19.04
C ALA C 233 -18.27 7.17 -20.29
N VAL C 234 -18.11 5.85 -20.25
CA VAL C 234 -17.63 5.10 -21.42
C VAL C 234 -18.61 5.20 -22.60
N MET C 235 -19.89 4.90 -22.34
CA MET C 235 -20.92 4.97 -23.39
C MET C 235 -20.99 6.37 -24.00
N ALA C 236 -20.92 7.39 -23.15
CA ALA C 236 -20.87 8.78 -23.61
C ALA C 236 -19.78 8.96 -24.65
N ALA C 237 -18.57 8.49 -24.31
CA ALA C 237 -17.42 8.59 -25.19
C ALA C 237 -17.62 7.83 -26.50
N ALA C 238 -18.07 6.58 -26.41
CA ALA C 238 -18.35 5.76 -27.61
C ALA C 238 -19.25 6.50 -28.60
N GLN C 239 -20.40 6.99 -28.12
CA GLN C 239 -21.27 7.84 -28.93
C GLN C 239 -20.50 9.03 -29.49
N ALA C 240 -19.75 9.71 -28.62
CA ALA C 240 -18.93 10.85 -29.01
C ALA C 240 -17.95 10.53 -30.13
N TYR C 241 -17.45 9.30 -30.15
CA TYR C 241 -16.54 8.87 -31.22
C TYR C 241 -17.27 8.72 -32.55
N LYS C 242 -18.48 8.17 -32.49
CA LYS C 242 -19.26 7.93 -33.70
C LYS C 242 -19.62 9.25 -34.41
N THR C 243 -20.11 10.24 -33.66
CA THR C 243 -20.45 11.55 -34.23
C THR C 243 -19.21 12.38 -34.65
N ALA C 244 -18.05 12.05 -34.08
CA ALA C 244 -16.84 12.86 -34.23
C ALA C 244 -16.26 12.78 -35.65
N ALA C 245 -15.46 13.79 -35.99
CA ALA C 245 -14.80 13.88 -37.29
C ALA C 245 -13.30 14.11 -37.09
N MET D 1 1.61 21.63 -22.65
CA MET D 1 0.55 21.44 -21.63
C MET D 1 -0.16 22.77 -21.35
N ASP D 2 -1.10 22.77 -20.40
CA ASP D 2 -1.79 24.01 -20.02
C ASP D 2 -0.80 24.96 -19.35
N ASN D 3 -0.89 26.24 -19.65
CA ASN D 3 0.02 27.23 -19.04
C ASN D 3 0.01 27.22 -17.52
N TYR D 4 -1.10 26.87 -16.89
CA TYR D 4 -1.11 26.74 -15.42
C TYR D 4 -0.15 25.62 -14.97
N GLN D 5 -0.08 24.53 -15.75
CA GLN D 5 0.84 23.43 -15.47
C GLN D 5 2.27 23.85 -15.76
N GLU D 6 2.48 24.59 -16.84
CA GLU D 6 3.80 25.09 -17.17
C GLU D 6 4.34 25.91 -16.01
N LEU D 7 3.51 26.78 -15.43
CA LEU D 7 3.93 27.60 -14.28
C LEU D 7 4.18 26.77 -13.01
N ALA D 8 3.35 25.77 -12.78
CA ALA D 8 3.50 24.90 -11.62
C ALA D 8 4.87 24.23 -11.71
N ILE D 9 5.21 23.73 -12.91
CA ILE D 9 6.53 23.11 -13.18
C ILE D 9 7.66 24.09 -12.91
N GLN D 10 7.55 25.33 -13.42
CA GLN D 10 8.59 26.35 -13.18
C GLN D 10 8.83 26.62 -11.69
N PHE D 11 7.77 26.50 -10.89
CA PHE D 11 7.79 26.85 -9.48
C PHE D 11 7.95 25.62 -8.55
N ALA D 12 8.14 24.43 -9.12
CA ALA D 12 8.18 23.21 -8.32
C ALA D 12 9.47 23.15 -7.48
N ALA D 13 9.38 22.54 -6.32
CA ALA D 13 10.52 22.42 -5.42
C ALA D 13 11.50 21.41 -5.99
N GLN D 14 12.78 21.77 -6.05
CA GLN D 14 13.81 20.86 -6.60
C GLN D 14 14.21 19.73 -5.64
N ALA D 15 13.78 19.83 -4.37
CA ALA D 15 13.95 18.76 -3.38
C ALA D 15 12.59 18.21 -2.95
N GLU D 20 7.56 22.90 6.33
CA GLU D 20 6.72 22.85 5.12
C GLU D 20 5.23 22.82 5.46
N ILE D 21 4.90 22.33 6.65
CA ILE D 21 3.59 22.55 7.28
C ILE D 21 3.31 24.06 7.33
N GLU D 22 4.37 24.83 7.58
CA GLU D 22 4.29 26.27 7.78
C GLU D 22 3.85 27.05 6.54
N GLN D 23 4.01 26.47 5.35
CA GLN D 23 3.58 27.13 4.12
C GLN D 23 2.06 27.26 4.01
N TRP D 24 1.35 26.31 4.62
CA TRP D 24 -0.11 26.18 4.49
C TRP D 24 -0.88 26.57 5.75
N VAL D 25 -0.23 26.43 6.90
CA VAL D 25 -0.84 26.73 8.21
C VAL D 25 -1.45 28.13 8.20
N ARG D 26 -2.54 28.29 8.94
CA ARG D 26 -3.32 29.55 9.00
C ARG D 26 -4.08 29.91 7.70
N GLU D 27 -4.49 28.91 6.92
CA GLU D 27 -5.18 29.19 5.65
C GLU D 27 -6.37 30.15 5.77
N GLN D 31 -9.25 35.34 8.11
CA GLN D 31 -9.17 35.97 6.80
C GLN D 31 -9.60 37.43 6.87
N GLY D 32 -8.90 38.21 7.70
CA GLY D 32 -9.21 39.63 7.90
C GLY D 32 -8.62 40.50 6.80
N PHE D 33 -9.22 40.41 5.60
CA PHE D 33 -8.73 41.12 4.41
C PHE D 33 -9.88 41.54 3.50
N ASP D 34 -9.62 42.51 2.62
CA ASP D 34 -10.64 43.03 1.68
C ASP D 34 -10.24 42.79 0.24
N ALA D 35 -11.08 42.07 -0.51
CA ALA D 35 -10.77 41.67 -1.88
C ALA D 35 -10.66 42.88 -2.83
N ARG D 36 -11.58 43.84 -2.73
CA ARG D 36 -11.56 45.06 -3.57
C ARG D 36 -10.22 45.76 -3.47
N ARG D 37 -9.74 45.88 -2.25
CA ARG D 37 -8.48 46.52 -1.97
C ARG D 37 -7.32 45.72 -2.55
N VAL D 38 -7.43 44.40 -2.51
CA VAL D 38 -6.40 43.54 -3.11
C VAL D 38 -6.30 43.80 -4.62
N ILE D 39 -7.43 43.85 -5.29
CA ILE D 39 -7.47 44.13 -6.74
C ILE D 39 -6.91 45.53 -7.00
N GLU D 40 -7.24 46.50 -6.15
CA GLU D 40 -6.73 47.86 -6.32
C GLU D 40 -5.23 47.87 -6.29
N LEU D 41 -4.66 47.16 -5.32
CA LEU D 41 -3.22 47.06 -5.17
C LEU D 41 -2.52 46.31 -6.31
N LEU D 42 -3.12 45.22 -6.76
CA LEU D 42 -2.57 44.49 -7.90
C LEU D 42 -2.43 45.41 -9.11
N LYS D 43 -3.46 46.22 -9.35
CA LYS D 43 -3.49 47.12 -10.49
C LYS D 43 -2.48 48.23 -10.34
N GLN D 44 -2.40 48.79 -9.14
CA GLN D 44 -1.43 49.87 -8.87
C GLN D 44 0.00 49.38 -9.05
N TYR D 45 0.32 48.23 -8.48
CA TYR D 45 1.71 47.74 -8.54
C TYR D 45 2.07 47.11 -9.87
N GLY D 46 1.15 46.35 -10.44
CA GLY D 46 1.39 45.59 -11.65
C GLY D 46 1.07 46.31 -12.95
N GLY D 47 0.26 47.39 -12.88
CA GLY D 47 -0.07 48.16 -14.11
C GLY D 47 -0.71 47.31 -15.19
N ALA D 48 -0.28 47.48 -16.44
CA ALA D 48 -0.90 46.74 -17.55
C ALA D 48 -0.72 45.19 -17.49
N ASP D 49 0.32 44.71 -16.83
CA ASP D 49 0.62 43.25 -16.76
C ASP D 49 0.04 42.57 -15.53
N TRP D 50 -0.81 43.27 -14.79
CA TRP D 50 -1.20 42.73 -13.47
C TRP D 50 -1.86 41.35 -13.53
N GLU D 51 -2.66 41.11 -14.57
CA GLU D 51 -3.40 39.87 -14.71
C GLU D 51 -2.49 38.68 -15.00
N LYS D 52 -1.51 38.89 -15.86
CA LYS D 52 -0.47 37.90 -16.15
C LYS D 52 0.34 37.51 -14.90
N ASP D 53 0.77 38.52 -14.14
CA ASP D 53 1.40 38.31 -12.82
C ASP D 53 0.52 37.61 -11.79
N ALA D 54 -0.74 38.00 -11.73
CA ALA D 54 -1.70 37.42 -10.80
C ALA D 54 -1.85 35.91 -11.07
N LYS D 55 -1.76 35.52 -12.33
CA LYS D 55 -1.79 34.12 -12.71
C LYS D 55 -0.67 33.33 -12.06
N LYS D 56 0.53 33.91 -12.05
CA LYS D 56 1.68 33.28 -11.44
C LYS D 56 1.47 33.17 -9.94
N MET D 57 1.02 34.27 -9.32
CA MET D 57 0.78 34.28 -7.88
C MET D 57 -0.28 33.29 -7.45
N ILE D 58 -1.30 33.11 -8.26
CA ILE D 58 -2.27 32.06 -8.04
C ILE D 58 -1.63 30.66 -8.00
N VAL D 59 -0.78 30.38 -8.99
CA VAL D 59 -0.12 29.06 -9.06
C VAL D 59 0.70 28.85 -7.80
N LEU D 60 1.44 29.89 -7.41
CA LEU D 60 2.24 29.88 -6.20
C LEU D 60 1.38 29.59 -4.96
N ALA D 61 0.27 30.32 -4.80
CA ALA D 61 -0.67 30.13 -3.68
C ALA D 61 -1.19 28.72 -3.62
N LEU D 62 -1.57 28.17 -4.77
CA LEU D 62 -2.18 26.88 -4.84
C LEU D 62 -1.21 25.73 -4.62
N THR D 63 0.01 25.88 -5.13
CA THR D 63 0.96 24.76 -5.21
C THR D 63 2.14 24.84 -4.27
N ARG D 64 2.52 26.04 -3.82
CA ARG D 64 3.69 26.22 -2.95
C ARG D 64 3.39 26.87 -1.58
N GLY D 65 2.26 27.58 -1.45
CA GLY D 65 1.83 28.09 -0.14
C GLY D 65 1.84 29.59 -0.03
N ASN D 66 1.95 30.11 1.19
CA ASN D 66 1.83 31.55 1.44
C ASN D 66 3.09 32.28 1.85
N LYS D 67 4.27 31.66 1.71
CA LYS D 67 5.52 32.26 2.19
C LYS D 67 6.57 32.35 1.08
N PRO D 68 6.61 33.50 0.38
CA PRO D 68 7.37 33.70 -0.85
C PRO D 68 8.87 33.55 -0.72
N ARG D 69 9.46 34.15 0.31
CA ARG D 69 10.91 34.09 0.45
C ARG D 69 11.34 32.65 0.63
N ARG D 70 10.60 31.94 1.48
CA ARG D 70 10.88 30.55 1.82
C ARG D 70 10.82 29.65 0.59
N MET D 71 9.72 29.72 -0.15
CA MET D 71 9.52 28.83 -1.31
C MET D 71 10.56 29.02 -2.43
N MET D 72 11.19 30.19 -2.48
CA MET D 72 12.23 30.47 -3.47
C MET D 72 13.49 29.63 -3.29
N MET D 73 13.87 29.40 -2.04
CA MET D 73 15.09 28.65 -1.74
C MET D 73 15.20 27.42 -2.62
N LYS D 74 14.15 26.60 -2.57
CA LYS D 74 14.09 25.36 -3.34
C LYS D 74 13.26 25.61 -4.58
N MET D 75 13.89 26.19 -5.58
CA MET D 75 13.31 26.38 -6.91
C MET D 75 14.42 26.44 -7.89
N SER D 76 14.12 26.18 -9.16
CA SER D 76 15.07 26.44 -10.23
C SER D 76 15.45 27.91 -10.21
N LYS D 77 16.51 28.25 -10.94
CA LYS D 77 16.96 29.65 -11.01
C LYS D 77 15.95 30.53 -11.76
N GLU D 78 15.33 29.96 -12.80
CA GLU D 78 14.23 30.62 -13.53
C GLU D 78 13.06 30.99 -12.61
N GLY D 79 12.66 30.06 -11.74
CA GLY D 79 11.54 30.27 -10.82
C GLY D 79 11.86 31.20 -9.67
N LYS D 80 13.07 31.06 -9.15
CA LYS D 80 13.55 31.90 -8.06
C LYS D 80 13.56 33.36 -8.50
N ALA D 81 13.99 33.62 -9.72
CA ALA D 81 14.08 34.99 -10.22
C ALA D 81 12.67 35.54 -10.49
N THR D 82 11.78 34.69 -10.99
CA THR D 82 10.41 35.11 -11.27
C THR D 82 9.70 35.53 -10.00
N VAL D 83 9.81 34.70 -8.96
CA VAL D 83 9.18 34.97 -7.67
C VAL D 83 9.81 36.20 -7.00
N GLU D 84 11.12 36.35 -7.14
CA GLU D 84 11.86 37.47 -6.55
C GLU D 84 11.34 38.75 -7.19
N ALA D 85 11.19 38.75 -8.52
CA ALA D 85 10.64 39.93 -9.21
C ALA D 85 9.22 40.20 -8.73
N LEU D 86 8.43 39.15 -8.50
CA LEU D 86 7.06 39.30 -7.96
C LEU D 86 7.04 39.87 -6.53
N ILE D 87 7.96 39.41 -5.68
CA ILE D 87 8.08 39.96 -4.32
C ILE D 87 8.39 41.43 -4.37
N ASN D 88 9.31 41.81 -5.26
CA ASN D 88 9.75 43.21 -5.38
C ASN D 88 8.67 44.11 -5.94
N LYS D 89 7.96 43.63 -6.97
CA LYS D 89 6.93 44.44 -7.61
C LYS D 89 5.68 44.60 -6.73
N TYR D 90 5.22 43.53 -6.10
CA TYR D 90 3.96 43.59 -5.36
C TYR D 90 4.09 43.72 -3.82
N LYS D 91 5.32 43.89 -3.35
CA LYS D 91 5.64 43.98 -1.91
C LYS D 91 4.91 42.91 -1.09
N LEU D 92 5.01 41.65 -1.59
CA LEU D 92 4.35 40.50 -0.97
C LEU D 92 4.90 40.25 0.41
N LYS D 93 3.98 40.01 1.34
CA LYS D 93 4.29 39.70 2.72
C LYS D 93 3.75 38.31 3.04
N GLU D 94 3.97 37.88 4.28
CA GLU D 94 3.47 36.62 4.81
C GLU D 94 2.43 36.92 5.89
N GLY D 95 1.56 35.95 6.15
CA GLY D 95 0.68 36.01 7.31
C GLY D 95 -0.53 36.91 7.11
N ASN D 96 -0.93 37.62 8.17
CA ASN D 96 -2.13 38.45 8.17
C ASN D 96 -1.89 39.93 8.55
N PRO D 97 -1.06 40.63 7.75
CA PRO D 97 -0.90 42.07 7.88
C PRO D 97 -2.17 42.81 7.43
N SER D 98 -2.13 44.15 7.50
CA SER D 98 -3.33 44.95 7.27
C SER D 98 -3.83 44.87 5.82
N ARG D 99 -4.97 45.49 5.60
CA ARG D 99 -5.61 45.51 4.28
C ARG D 99 -4.82 46.23 3.18
N ASP D 100 -3.77 46.96 3.55
CA ASP D 100 -2.95 47.67 2.57
C ASP D 100 -1.73 46.87 2.09
N GLU D 101 -1.70 45.56 2.39
CA GLU D 101 -0.59 44.70 1.96
C GLU D 101 -1.09 43.45 1.26
N LEU D 102 -0.32 42.99 0.28
CA LEU D 102 -0.63 41.80 -0.50
C LEU D 102 0.06 40.56 0.11
N THR D 103 -0.62 39.42 0.03
CA THR D 103 -0.01 38.12 0.24
C THR D 103 -0.50 37.21 -0.91
N LEU D 104 0.18 36.09 -1.13
CA LEU D 104 -0.27 35.14 -2.17
C LEU D 104 -1.70 34.65 -1.96
N SER D 105 -2.00 34.27 -0.72
CA SER D 105 -3.32 33.75 -0.40
C SER D 105 -4.42 34.77 -0.67
N ARG D 106 -4.15 36.04 -0.37
CA ARG D 106 -5.13 37.09 -0.67
C ARG D 106 -5.38 37.30 -2.16
N VAL D 107 -4.32 37.17 -2.94
CA VAL D 107 -4.41 37.33 -4.38
C VAL D 107 -5.32 36.25 -4.93
N ALA D 108 -5.11 35.01 -4.47
CA ALA D 108 -5.89 33.88 -4.94
C ALA D 108 -7.36 33.99 -4.53
N ALA D 109 -7.62 34.45 -3.31
CA ALA D 109 -8.99 34.62 -2.83
C ALA D 109 -9.78 35.77 -3.48
N ALA D 110 -9.09 36.89 -3.72
CA ALA D 110 -9.66 38.04 -4.43
C ALA D 110 -9.99 37.71 -5.89
N LEU D 111 -9.28 36.74 -6.48
CA LEU D 111 -9.52 36.34 -7.86
C LEU D 111 -10.12 34.93 -7.90
N ALA D 112 -11.15 34.71 -7.09
CA ALA D 112 -11.66 33.36 -6.82
C ALA D 112 -12.12 32.66 -8.10
N GLY D 113 -12.74 33.41 -9.01
CA GLY D 113 -13.15 32.87 -10.31
C GLY D 113 -12.01 32.24 -11.11
N ARG D 114 -10.87 32.91 -11.12
CA ARG D 114 -9.67 32.42 -11.80
C ARG D 114 -9.03 31.25 -11.06
N THR D 115 -8.95 31.40 -9.75
CA THR D 115 -8.34 30.41 -8.86
C THR D 115 -9.09 29.09 -8.96
N CYS D 116 -10.42 29.14 -8.84
CA CYS D 116 -11.23 27.92 -8.90
C CYS D 116 -11.20 27.24 -10.27
N GLN D 117 -11.01 28.00 -11.33
CA GLN D 117 -10.82 27.38 -12.65
C GLN D 117 -9.42 26.77 -12.77
N ALA D 118 -8.43 27.33 -12.11
CA ALA D 118 -7.05 26.78 -12.18
C ALA D 118 -6.97 25.36 -11.59
N LEU D 119 -7.82 25.09 -10.59
CA LEU D 119 -7.87 23.80 -9.88
C LEU D 119 -8.13 22.61 -10.81
N VAL D 120 -8.84 22.84 -11.89
CA VAL D 120 -9.11 21.77 -12.85
C VAL D 120 -7.75 21.23 -13.36
N VAL D 121 -6.86 22.13 -13.71
CA VAL D 121 -5.55 21.78 -14.20
C VAL D 121 -4.59 21.40 -13.09
N LEU D 122 -4.72 22.02 -11.90
CA LEU D 122 -3.71 21.91 -10.89
C LEU D 122 -4.02 20.87 -9.81
N SER D 123 -5.08 20.09 -10.03
CA SER D 123 -5.60 19.09 -9.07
C SER D 123 -4.55 18.21 -8.36
N GLU D 124 -3.59 17.69 -9.10
CA GLU D 124 -2.57 16.81 -8.54
C GLU D 124 -1.38 17.50 -7.85
N TRP D 125 -1.36 18.83 -7.92
CA TRP D 125 -0.34 19.62 -7.26
C TRP D 125 -0.77 20.13 -5.90
N LEU D 126 -2.04 19.94 -5.57
CA LEU D 126 -2.62 20.56 -4.36
C LEU D 126 -2.34 19.70 -3.11
N PRO D 127 -2.36 20.32 -1.90
CA PRO D 127 -2.17 19.56 -0.65
C PRO D 127 -3.15 18.43 -0.43
N VAL D 128 -4.36 18.58 -0.91
CA VAL D 128 -5.26 17.45 -1.12
C VAL D 128 -5.59 17.37 -2.59
N THR D 129 -5.26 16.23 -3.21
CA THR D 129 -5.43 16.12 -4.65
C THR D 129 -6.83 15.70 -5.07
N GLY D 130 -7.16 15.95 -6.34
CA GLY D 130 -8.44 15.48 -6.91
C GLY D 130 -8.63 13.97 -6.74
N THR D 131 -7.56 13.22 -6.99
CA THR D 131 -7.57 11.77 -6.84
C THR D 131 -7.91 11.30 -5.43
N THR D 132 -7.34 11.95 -4.42
CA THR D 132 -7.67 11.69 -3.01
C THR D 132 -9.17 12.00 -2.76
N MET D 133 -9.65 13.19 -3.20
CA MET D 133 -11.10 13.51 -3.08
C MET D 133 -12.00 12.47 -3.77
N ASP D 134 -11.58 11.97 -4.94
CA ASP D 134 -12.38 10.96 -5.64
C ASP D 134 -12.55 9.69 -4.82
N GLY D 135 -11.58 9.39 -3.95
CA GLY D 135 -11.69 8.28 -3.03
C GLY D 135 -12.80 8.45 -1.99
N LEU D 136 -13.12 9.70 -1.66
CA LEU D 136 -14.18 10.00 -0.69
C LEU D 136 -15.54 10.10 -1.37
N SER D 137 -15.59 10.70 -2.56
CA SER D 137 -16.81 10.80 -3.31
C SER D 137 -16.44 10.83 -4.77
N PRO D 138 -16.99 9.89 -5.58
CA PRO D 138 -16.61 9.82 -6.99
C PRO D 138 -16.83 11.15 -7.67
N ALA D 139 -15.97 11.45 -8.65
CA ALA D 139 -16.10 12.63 -9.48
C ALA D 139 -16.24 13.91 -8.66
N TYR D 140 -15.42 14.06 -7.64
CA TYR D 140 -15.50 15.22 -6.75
C TYR D 140 -15.16 16.50 -7.54
N PRO D 141 -15.97 17.58 -7.37
CA PRO D 141 -15.78 18.78 -8.19
C PRO D 141 -14.47 19.50 -7.92
N ARG D 142 -13.61 19.53 -8.94
CA ARG D 142 -12.32 20.18 -8.77
C ARG D 142 -12.46 21.67 -8.46
N HIS D 143 -13.51 22.31 -8.99
CA HIS D 143 -13.65 23.75 -8.76
C HIS D 143 -13.85 24.10 -7.27
N MET D 144 -14.21 23.10 -6.47
CA MET D 144 -14.51 23.29 -5.03
C MET D 144 -13.28 23.13 -4.14
N MET D 145 -12.13 22.83 -4.75
CA MET D 145 -10.94 22.42 -4.02
C MET D 145 -10.01 23.55 -3.63
N HIS D 146 -10.60 24.64 -3.14
CA HIS D 146 -9.86 25.68 -2.48
C HIS D 146 -10.81 26.51 -1.60
N PRO D 147 -10.36 27.01 -0.44
CA PRO D 147 -11.25 27.83 0.40
C PRO D 147 -11.88 29.05 -0.31
N SER D 148 -11.17 29.61 -1.28
CA SER D 148 -11.67 30.73 -2.08
C SER D 148 -12.91 30.40 -2.88
N PHE D 149 -13.20 29.11 -3.05
CA PHE D 149 -14.47 28.72 -3.65
C PHE D 149 -15.66 29.32 -2.90
N ALA D 150 -15.57 29.49 -1.58
CA ALA D 150 -16.71 30.02 -0.80
C ALA D 150 -17.19 31.38 -1.37
N GLY D 151 -16.25 32.14 -1.93
CA GLY D 151 -16.55 33.40 -2.61
C GLY D 151 -17.25 33.31 -3.95
N MET D 152 -17.47 32.10 -4.45
CA MET D 152 -18.23 31.87 -5.68
C MET D 152 -19.63 31.40 -5.36
N VAL D 153 -19.94 31.28 -4.08
CA VAL D 153 -21.20 30.68 -3.69
C VAL D 153 -22.24 31.79 -3.62
N ASP D 154 -23.33 31.59 -4.36
CA ASP D 154 -24.46 32.53 -4.41
C ASP D 154 -25.45 32.16 -3.29
N PRO D 155 -25.48 32.94 -2.18
CA PRO D 155 -26.33 32.63 -1.04
C PRO D 155 -27.85 32.78 -1.30
N SER D 156 -28.20 33.36 -2.46
CA SER D 156 -29.58 33.42 -2.95
C SER D 156 -30.08 32.15 -3.62
N LEU D 157 -29.24 31.13 -3.80
CA LEU D 157 -29.77 29.88 -4.34
C LEU D 157 -30.82 29.37 -3.37
N PRO D 158 -31.82 28.63 -3.84
CA PRO D 158 -32.75 27.97 -2.94
C PRO D 158 -32.01 27.19 -1.85
N GLY D 159 -32.56 27.24 -0.64
CA GLY D 159 -31.90 26.71 0.57
C GLY D 159 -31.30 25.31 0.46
N ASP D 160 -32.04 24.39 -0.13
CA ASP D 160 -31.53 23.02 -0.29
C ASP D 160 -30.31 22.97 -1.25
N TYR D 161 -30.34 23.83 -2.26
CA TYR D 161 -29.30 23.85 -3.27
C TYR D 161 -28.06 24.47 -2.67
N LEU D 162 -28.27 25.54 -1.93
CA LEU D 162 -27.22 26.19 -1.18
C LEU D 162 -26.53 25.23 -0.22
N ARG D 163 -27.32 24.48 0.54
CA ARG D 163 -26.82 23.58 1.58
C ARG D 163 -25.98 22.42 1.00
N ALA D 164 -26.42 21.90 -0.14
CA ALA D 164 -25.71 20.86 -0.86
C ALA D 164 -24.36 21.35 -1.37
N ILE D 165 -24.33 22.59 -1.87
CA ILE D 165 -23.12 23.20 -2.40
C ILE D 165 -22.11 23.41 -1.30
N LEU D 166 -22.57 23.93 -0.17
CA LEU D 166 -21.69 24.16 0.95
C LEU D 166 -21.24 22.83 1.62
N ASP D 167 -22.16 21.87 1.75
CA ASP D 167 -21.82 20.56 2.27
C ASP D 167 -20.77 19.91 1.35
N ALA D 168 -20.96 19.98 0.03
CA ALA D 168 -20.02 19.36 -0.91
C ALA D 168 -18.63 19.98 -0.73
N HIS D 169 -18.60 21.32 -0.65
CA HIS D 169 -17.38 22.08 -0.47
C HIS D 169 -16.71 21.80 0.88
N SER D 170 -17.54 21.62 1.91
CA SER D 170 -17.06 21.25 3.22
C SER D 170 -16.33 19.89 3.25
N LEU D 171 -16.65 18.98 2.31
CA LEU D 171 -15.97 17.65 2.28
C LEU D 171 -14.48 17.89 2.04
N TYR D 172 -14.19 18.80 1.12
CA TYR D 172 -12.83 19.22 0.86
C TYR D 172 -12.21 19.98 2.03
N LEU D 173 -12.94 20.94 2.60
CA LEU D 173 -12.42 21.73 3.72
C LEU D 173 -12.00 20.86 4.92
N LEU D 174 -12.75 19.80 5.14
CA LEU D 174 -12.49 18.83 6.19
C LEU D 174 -11.14 18.15 5.91
N GLN D 175 -10.91 17.73 4.67
CA GLN D 175 -9.63 17.08 4.31
C GLN D 175 -8.48 18.05 4.43
N PHE D 176 -8.67 19.22 3.85
CA PHE D 176 -7.68 20.31 3.82
C PHE D 176 -7.25 20.77 5.24
N SER D 177 -8.23 20.97 6.11
CA SER D 177 -7.93 21.40 7.47
C SER D 177 -7.04 20.38 8.20
N ARG D 178 -7.26 19.11 7.93
CA ARG D 178 -6.49 18.04 8.56
C ARG D 178 -5.10 17.88 7.98
N VAL D 179 -4.87 18.38 6.76
CA VAL D 179 -3.54 18.39 6.18
C VAL D 179 -2.69 19.49 6.80
N ILE D 180 -3.27 20.67 6.94
CA ILE D 180 -2.54 21.82 7.48
C ILE D 180 -2.42 21.77 9.01
N ASN D 181 -3.33 21.10 9.70
CA ASN D 181 -3.20 20.82 11.12
C ASN D 181 -3.50 19.35 11.39
N PRO D 182 -2.46 18.49 11.29
CA PRO D 182 -2.59 17.05 11.50
C PRO D 182 -3.19 16.65 12.83
N ASN D 183 -3.13 17.51 13.85
CA ASN D 183 -3.80 17.23 15.12
C ASN D 183 -5.31 17.13 14.98
N LEU D 184 -5.85 17.70 13.91
CA LEU D 184 -7.29 17.65 13.66
C LEU D 184 -7.71 16.32 13.08
N ARG D 185 -6.76 15.49 12.65
CA ARG D 185 -7.08 14.17 12.11
C ARG D 185 -7.81 13.28 13.12
N GLY D 186 -7.45 13.43 14.38
CA GLY D 186 -8.08 12.70 15.48
C GLY D 186 -9.25 13.43 16.14
N ARG D 187 -9.62 14.60 15.63
CA ARG D 187 -10.82 15.32 16.12
C ARG D 187 -12.07 14.97 15.30
N THR D 188 -13.22 15.19 15.92
CA THR D 188 -14.48 14.86 15.27
C THR D 188 -14.73 15.85 14.15
N LYS D 189 -15.51 15.41 13.16
CA LYS D 189 -15.88 16.25 12.02
C LYS D 189 -16.39 17.62 12.49
N GLU D 190 -17.24 17.58 13.51
CA GLU D 190 -17.85 18.78 14.05
C GLU D 190 -16.81 19.74 14.60
N GLU D 191 -15.79 19.22 15.28
CA GLU D 191 -14.68 20.03 15.79
C GLU D 191 -13.82 20.67 14.67
N VAL D 192 -13.59 19.91 13.59
CA VAL D 192 -12.86 20.48 12.42
C VAL D 192 -13.74 21.52 11.68
N ALA D 193 -15.02 21.23 11.53
CA ALA D 193 -15.93 22.17 10.84
C ALA D 193 -15.96 23.53 11.58
N ALA D 194 -15.90 23.48 12.90
CA ALA D 194 -15.86 24.69 13.71
C ALA D 194 -14.69 25.59 13.31
N THR D 195 -13.61 25.01 12.79
CA THR D 195 -12.44 25.79 12.42
C THR D 195 -12.52 26.43 11.03
N PHE D 196 -13.43 25.99 10.16
CA PHE D 196 -13.52 26.55 8.82
C PHE D 196 -14.86 27.13 8.39
N THR D 197 -15.92 26.94 9.18
CA THR D 197 -17.24 27.40 8.76
C THR D 197 -17.38 28.95 8.81
N GLN D 198 -16.87 29.57 9.87
CA GLN D 198 -16.92 31.03 10.02
C GLN D 198 -16.37 31.81 8.79
N PRO D 199 -15.12 31.56 8.36
CA PRO D 199 -14.62 32.27 7.18
C PRO D 199 -15.29 31.82 5.88
N MET D 200 -15.69 30.55 5.78
CA MET D 200 -16.49 30.05 4.64
C MET D 200 -17.78 30.89 4.49
N ASN D 201 -18.55 30.98 5.56
CA ASN D 201 -19.77 31.73 5.57
C ASN D 201 -19.53 33.22 5.34
N ALA D 202 -18.44 33.78 5.86
CA ALA D 202 -18.15 35.22 5.60
C ALA D 202 -17.94 35.50 4.10
N ALA D 203 -17.20 34.64 3.41
CA ALA D 203 -17.04 34.73 1.97
C ALA D 203 -18.34 34.45 1.23
N VAL D 204 -19.13 33.49 1.68
CA VAL D 204 -20.42 33.19 1.05
C VAL D 204 -21.30 34.47 1.07
N ASN D 205 -21.20 35.24 2.14
CA ASN D 205 -22.13 36.35 2.38
C ASN D 205 -21.54 37.74 2.11
N SER D 206 -20.37 37.80 1.47
CA SER D 206 -19.66 39.08 1.31
C SER D 206 -20.29 39.88 0.21
N ASN D 207 -19.96 41.16 0.18
CA ASN D 207 -20.53 42.01 -0.85
C ASN D 207 -19.74 41.95 -2.17
N PHE D 208 -18.72 41.10 -2.23
CA PHE D 208 -17.78 41.08 -3.34
C PHE D 208 -18.08 40.00 -4.40
N ILE D 209 -18.38 40.47 -5.62
CA ILE D 209 -18.96 39.69 -6.71
C ILE D 209 -20.44 39.37 -6.41
N SER D 210 -21.31 39.88 -7.28
CA SER D 210 -22.75 39.87 -7.08
C SER D 210 -23.32 38.45 -7.10
N HIS D 211 -24.57 38.31 -6.68
CA HIS D 211 -25.30 37.02 -6.74
C HIS D 211 -25.38 36.46 -8.15
N GLU D 212 -25.71 37.33 -9.11
CA GLU D 212 -25.81 36.93 -10.50
C GLU D 212 -24.49 36.41 -11.07
N LYS D 213 -23.40 37.10 -10.81
CA LYS D 213 -22.11 36.71 -11.37
C LYS D 213 -21.60 35.43 -10.70
N ARG D 214 -21.86 35.29 -9.40
CA ARG D 214 -21.49 34.09 -8.67
C ARG D 214 -22.15 32.88 -9.26
N ARG D 215 -23.47 32.97 -9.45
CA ARG D 215 -24.20 31.85 -9.99
C ARG D 215 -23.79 31.53 -11.44
N GLU D 216 -23.38 32.54 -12.20
CA GLU D 216 -22.88 32.29 -13.55
C GLU D 216 -21.56 31.49 -13.49
N PHE D 217 -20.67 31.83 -12.55
CA PHE D 217 -19.47 31.02 -12.31
C PHE D 217 -19.86 29.61 -11.93
N LEU D 218 -20.74 29.45 -10.95
CA LEU D 218 -21.23 28.09 -10.59
C LEU D 218 -21.74 27.31 -11.79
N LYS D 219 -22.50 27.99 -12.66
CA LYS D 219 -23.04 27.34 -13.86
C LYS D 219 -21.93 27.04 -14.91
N ALA D 220 -20.98 27.93 -15.06
CA ALA D 220 -19.88 27.73 -16.01
C ALA D 220 -18.97 26.59 -15.52
N PHE D 221 -18.82 26.51 -14.20
CA PHE D 221 -18.04 25.45 -13.58
C PHE D 221 -18.72 24.09 -13.64
N GLY D 222 -19.98 24.02 -14.04
CA GLY D 222 -20.72 22.77 -14.10
C GLY D 222 -21.42 22.30 -12.81
N LEU D 223 -21.33 23.11 -11.77
CA LEU D 223 -21.78 22.73 -10.45
C LEU D 223 -23.29 22.86 -10.25
N VAL D 224 -23.91 23.83 -10.93
CA VAL D 224 -25.38 23.93 -10.96
C VAL D 224 -25.87 24.04 -12.41
N ASP D 225 -27.14 23.71 -12.64
CA ASP D 225 -27.77 23.88 -13.97
C ASP D 225 -28.37 25.28 -14.08
N SER D 226 -29.17 25.51 -15.12
CA SER D 226 -29.77 26.84 -15.35
C SER D 226 -30.77 27.26 -14.28
N ASN D 227 -31.29 26.31 -13.51
CA ASN D 227 -32.20 26.58 -12.38
C ASN D 227 -31.48 26.74 -11.03
N GLY D 228 -30.17 26.50 -11.00
CA GLY D 228 -29.41 26.50 -9.75
C GLY D 228 -29.37 25.16 -9.02
N LYS D 229 -29.98 24.12 -9.59
CA LYS D 229 -29.99 22.79 -8.98
C LYS D 229 -28.60 22.17 -9.14
N PRO D 230 -28.04 21.61 -8.05
CA PRO D 230 -26.66 21.11 -8.16
C PRO D 230 -26.50 19.86 -9.02
N SER D 231 -25.30 19.68 -9.57
CA SER D 231 -24.95 18.45 -10.34
C SER D 231 -25.03 17.19 -9.49
N ALA D 232 -25.13 16.03 -10.15
CA ALA D 232 -25.13 14.76 -9.41
C ALA D 232 -23.86 14.63 -8.58
N ALA D 233 -22.74 15.12 -9.10
CA ALA D 233 -21.47 15.02 -8.35
C ALA D 233 -21.48 15.88 -7.07
N VAL D 234 -22.05 17.08 -7.15
CA VAL D 234 -22.20 17.92 -5.94
C VAL D 234 -23.08 17.18 -4.92
N MET D 235 -24.21 16.66 -5.38
CA MET D 235 -25.17 16.02 -4.48
C MET D 235 -24.51 14.82 -3.78
N ALA D 236 -23.73 14.05 -4.53
CA ALA D 236 -23.01 12.91 -3.99
C ALA D 236 -22.00 13.34 -2.93
N ALA D 237 -21.27 14.44 -3.20
CA ALA D 237 -20.31 14.97 -2.26
C ALA D 237 -20.97 15.47 -0.96
N ALA D 238 -22.15 16.10 -1.12
CA ALA D 238 -22.93 16.58 0.02
C ALA D 238 -23.35 15.40 0.92
N GLN D 239 -23.81 14.32 0.32
CA GLN D 239 -24.14 13.10 1.08
C GLN D 239 -22.90 12.46 1.76
N ALA D 240 -21.75 12.46 1.07
CA ALA D 240 -20.50 11.97 1.69
C ALA D 240 -20.08 12.81 2.89
N TYR D 241 -20.30 14.12 2.83
CA TYR D 241 -20.01 15.01 3.95
C TYR D 241 -20.88 14.63 5.16
N LYS D 242 -22.18 14.42 4.92
CA LYS D 242 -23.10 13.97 5.98
C LYS D 242 -22.58 12.74 6.75
N THR D 243 -22.02 11.76 6.03
CA THR D 243 -21.61 10.52 6.67
C THR D 243 -20.11 10.44 6.95
N ALA D 244 -19.38 11.50 6.64
CA ALA D 244 -17.92 11.53 6.80
C ALA D 244 -17.43 11.53 8.25
N ALA D 245 -16.27 10.92 8.43
CA ALA D 245 -15.57 10.92 9.72
C ALA D 245 -14.79 12.19 9.85
C1 GOL E . -3.74 -18.96 2.66
O1 GOL E . -4.97 -18.93 1.93
C2 GOL E . -3.76 -17.96 3.82
O2 GOL E . -4.88 -18.10 4.67
C3 GOL E . -2.50 -18.06 4.63
O3 GOL E . -2.63 -19.08 5.60
C1 GOL F . 5.60 -24.43 7.99
O1 GOL F . 5.31 -23.47 9.00
C2 GOL F . 7.11 -24.41 7.70
O2 GOL F . 7.32 -23.78 6.47
C3 GOL F . 7.68 -25.81 7.61
O3 GOL F . 8.98 -25.73 7.04
C1 GOL G . -10.38 8.85 -13.32
O1 GOL G . -10.55 10.24 -13.18
C2 GOL G . -11.44 8.34 -14.28
O2 GOL G . -11.13 8.83 -15.57
C3 GOL G . -11.53 6.81 -14.29
O3 GOL G . -10.89 6.27 -15.42
C1 GOL H . -17.53 20.68 -11.50
O1 GOL H . -18.43 20.41 -12.56
C2 GOL H . -16.06 20.49 -11.92
O2 GOL H . -15.17 21.05 -10.95
C3 GOL H . -15.77 19.02 -12.08
O3 GOL H . -14.42 18.80 -11.76
#